data_6LGE
#
_entry.id   6LGE
#
_cell.length_a   65.247
_cell.length_b   145.792
_cell.length_c   152.857
_cell.angle_alpha   90.000
_cell.angle_beta   90.000
_cell.angle_gamma   90.000
#
_symmetry.space_group_name_H-M   'P 21 21 21'
#
loop_
_entity.id
_entity.type
_entity.pdbx_description
1 polymer 'Sucrose hydrolase'
2 branched 4,6-dideoxy-4-{[(1S,4R,5S,6S)-4,5,6-trihydroxy-3-(hydroxymethyl)cyclohex-2-en-1-yl]amino}-alpha-D-glucopyranose-(1-4)-alpha-D-glucopyranose-(1-4)-beta-D-glucopyranose
3 non-polymer 'MAGNESIUM ION'
4 non-polymer 'CALCIUM ION'
5 water water
#
_entity_poly.entity_id   1
_entity_poly.type   'polypeptide(L)'
_entity_poly.pdbx_seq_one_letter_code
;MGSSHHHHHHSSGLVPRGSHMSNQNAPTPPPTEVIQLDWWKNCVLYQIYPRSFKDSDGDGIGDLKGIISELKHFVDAGVD
AIWMSPIFESPMVDFGYDISNFYDIHYEYGTMEDFEELLDKAHELGLKVLLDFVPNHASNESEYFIKSEAREPGYENFFI
WADPLPNPENPGVRLPPSNWVSQFGGSAWEWSEKRQQYYLHQFAIQQVDFDFRNPAVKQEMFNIMKFWLDKGADGFRLDA
LPYLIEADPADHEGRYPDDPLSGLTQFESHQLGYTIPLYTKDLIELYDVVYEWREFLDEYNKNHGGDTRVVFSEGYANVS
MTMLYYGNEDGAIGAHFPFNFDFITDLSSKSNARDFVYIILRWLTYMPYGGIPNWVFGNHDNNRMPTRFRHDMVDGLNII
NMLLPGVAVTYQGEEIGMRDGYVSWEDTVDIEACNRGDPDTYHLYSRDPARTPYHWDNSTSAGFSTSTNTWLPVAEDYQE
INLAKQKETARSHFKNYQALTKLRKQATLSHGEYDIRALSDRTFYLVRSLPTHDTYVLLFNVSERRDTVDLGRVPHLTLP
ATVYVSSIHSARLAGHEITSSQLSLEAGEALVLKAQPI
;
_entity_poly.pdbx_strand_id   A,B
#
# COMPACT_ATOMS: atom_id res chain seq x y z
N PRO A 29 29.78 -25.20 13.60
CA PRO A 29 29.08 -25.44 14.87
C PRO A 29 29.12 -24.25 15.82
N PRO A 30 30.31 -23.79 16.33
CA PRO A 30 30.35 -22.92 17.52
C PRO A 30 29.77 -21.52 17.24
N PRO A 31 28.93 -20.96 18.13
CA PRO A 31 28.08 -19.83 17.77
C PRO A 31 28.94 -18.56 17.65
N THR A 32 28.94 -17.90 16.47
CA THR A 32 29.62 -16.60 16.23
C THR A 32 29.31 -15.61 17.36
N GLU A 33 30.32 -14.87 17.82
CA GLU A 33 30.21 -13.60 18.58
C GLU A 33 29.35 -12.63 17.76
N VAL A 34 28.45 -11.88 18.39
CA VAL A 34 27.79 -10.69 17.76
C VAL A 34 28.25 -9.45 18.50
N ILE A 35 28.42 -8.32 17.84
CA ILE A 35 28.80 -7.04 18.53
C ILE A 35 27.52 -6.49 19.16
N GLN A 36 27.54 -6.22 20.48
CA GLN A 36 26.31 -5.85 21.23
C GLN A 36 25.92 -4.43 20.79
N LEU A 37 24.62 -4.20 20.69
CA LEU A 37 24.13 -2.94 20.09
C LEU A 37 23.98 -1.92 21.21
N ASP A 38 23.98 -0.65 20.85
CA ASP A 38 23.60 0.39 21.82
C ASP A 38 22.17 0.08 22.27
N TRP A 39 21.87 0.40 23.52
CA TRP A 39 20.65 -0.02 24.28
C TRP A 39 19.38 0.30 23.46
N TRP A 40 19.33 1.45 22.79
CA TRP A 40 18.11 1.98 22.17
C TRP A 40 17.80 1.24 20.85
N LYS A 41 18.74 0.47 20.29
CA LYS A 41 18.55 -0.10 18.94
C LYS A 41 17.68 -1.35 19.01
N ASN A 42 17.54 -1.97 20.20
CA ASN A 42 16.72 -3.19 20.38
C ASN A 42 16.04 -3.15 21.76
N CYS A 43 15.80 -1.97 22.35
CA CYS A 43 15.13 -1.93 23.67
C CYS A 43 13.68 -2.36 23.52
N VAL A 44 13.08 -2.79 24.63
CA VAL A 44 11.61 -2.92 24.80
C VAL A 44 11.23 -1.64 25.49
N LEU A 45 10.49 -0.78 24.80
CA LEU A 45 10.09 0.55 25.33
C LEU A 45 8.65 0.41 25.82
N TYR A 46 8.38 0.73 27.09
CA TYR A 46 7.02 0.66 27.68
C TYR A 46 6.50 2.09 27.89
N GLN A 47 5.34 2.40 27.36
CA GLN A 47 4.71 3.74 27.52
C GLN A 47 3.83 3.71 28.77
N ILE A 48 4.26 4.40 29.80
CA ILE A 48 3.43 4.59 31.01
C ILE A 48 2.46 5.77 30.77
N TYR A 49 1.18 5.61 31.13
CA TYR A 49 0.21 6.75 31.21
C TYR A 49 0.05 7.12 32.69
N PRO A 50 0.90 8.02 33.25
CA PRO A 50 1.00 8.15 34.71
C PRO A 50 -0.37 8.21 35.42
N ARG A 51 -1.30 8.99 34.88
CA ARG A 51 -2.62 9.20 35.53
C ARG A 51 -3.34 7.86 35.78
N SER A 52 -3.01 6.76 35.07
CA SER A 52 -3.78 5.49 35.09
C SER A 52 -2.89 4.29 35.47
N PHE A 53 -1.62 4.50 35.82
CA PHE A 53 -0.69 3.39 36.15
C PHE A 53 -0.94 2.96 37.61
N LYS A 54 -0.53 3.76 38.59
CA LYS A 54 -0.66 3.40 40.01
C LYS A 54 -0.88 4.66 40.83
N ASP A 55 -1.98 4.64 41.56
CA ASP A 55 -2.36 5.68 42.56
C ASP A 55 -1.85 5.25 43.94
N SER A 56 -0.87 6.00 44.47
CA SER A 56 -0.23 5.71 45.78
C SER A 56 -0.98 6.39 46.94
N ASP A 57 -1.98 7.23 46.71
CA ASP A 57 -2.42 8.14 47.80
C ASP A 57 -3.94 8.30 47.85
N GLY A 58 -4.71 7.50 47.13
CA GLY A 58 -6.16 7.33 47.37
C GLY A 58 -7.04 8.41 46.77
N ASP A 59 -6.48 9.25 45.88
CA ASP A 59 -7.22 10.34 45.22
C ASP A 59 -7.80 9.83 43.88
N GLY A 60 -7.57 8.56 43.54
CA GLY A 60 -8.06 7.95 42.28
C GLY A 60 -7.27 8.44 41.07
N ILE A 61 -6.12 9.07 41.33
CA ILE A 61 -5.21 9.61 40.30
C ILE A 61 -3.84 8.95 40.44
N GLY A 62 -3.37 8.34 39.34
CA GLY A 62 -2.04 7.72 39.31
C GLY A 62 -0.99 8.78 39.54
N ASP A 63 0.13 8.42 40.15
CA ASP A 63 1.11 9.45 40.56
C ASP A 63 2.52 8.86 40.49
N LEU A 64 3.53 9.71 40.68
CA LEU A 64 4.97 9.36 40.60
C LEU A 64 5.32 8.33 41.70
N LYS A 65 4.84 8.52 42.94
CA LYS A 65 5.07 7.51 44.00
C LYS A 65 4.51 6.15 43.57
N GLY A 66 3.33 6.13 42.97
CA GLY A 66 2.75 4.92 42.36
C GLY A 66 3.74 4.25 41.42
N ILE A 67 4.28 5.01 40.45
CA ILE A 67 5.28 4.48 39.49
C ILE A 67 6.48 3.91 40.24
N ILE A 68 7.04 4.69 41.17
CA ILE A 68 8.29 4.28 41.89
C ILE A 68 8.01 2.92 42.52
N SER A 69 6.81 2.74 43.08
CA SER A 69 6.46 1.54 43.86
C SER A 69 6.38 0.32 42.94
N GLU A 70 6.21 0.52 41.62
CA GLU A 70 6.10 -0.62 40.68
C GLU A 70 7.17 -0.57 39.60
N LEU A 71 8.28 0.10 39.83
CA LEU A 71 9.39 0.05 38.84
C LEU A 71 9.88 -1.38 38.69
N LYS A 72 9.80 -2.18 39.75
CA LYS A 72 10.17 -3.64 39.73
C LYS A 72 9.34 -4.35 38.65
N HIS A 73 8.14 -3.86 38.34
CA HIS A 73 7.27 -4.44 37.28
C HIS A 73 8.02 -4.47 35.94
N PHE A 74 8.78 -3.44 35.61
CA PHE A 74 9.49 -3.33 34.29
C PHE A 74 10.60 -4.38 34.23
N VAL A 75 11.33 -4.55 35.34
CA VAL A 75 12.40 -5.57 35.43
C VAL A 75 11.75 -6.94 35.26
N ASP A 76 10.66 -7.20 35.98
CA ASP A 76 9.87 -8.45 35.93
C ASP A 76 9.44 -8.72 34.49
N ALA A 77 8.96 -7.68 33.78
CA ALA A 77 8.33 -7.86 32.45
C ALA A 77 9.40 -8.03 31.36
N GLY A 78 10.66 -7.68 31.62
CA GLY A 78 11.74 -7.59 30.61
C GLY A 78 11.71 -6.29 29.81
N VAL A 79 11.16 -5.23 30.38
CA VAL A 79 11.15 -3.86 29.78
C VAL A 79 12.50 -3.23 30.04
N ASP A 80 13.12 -2.64 29.02
CA ASP A 80 14.42 -1.96 29.11
C ASP A 80 14.24 -0.47 29.43
N ALA A 81 13.16 0.11 28.92
CA ALA A 81 13.01 1.60 28.87
C ALA A 81 11.56 1.98 29.11
N ILE A 82 11.33 3.00 29.93
CA ILE A 82 9.97 3.55 30.14
C ILE A 82 9.91 4.96 29.57
N TRP A 83 8.78 5.29 28.95
CA TRP A 83 8.50 6.68 28.52
C TRP A 83 7.19 7.06 29.18
N MET A 84 7.16 8.18 29.90
CA MET A 84 5.94 8.60 30.62
C MET A 84 5.25 9.64 29.77
N SER A 85 3.96 9.47 29.54
CA SER A 85 3.11 10.62 29.11
C SER A 85 3.30 11.78 30.08
N PRO A 86 2.89 12.99 29.66
CA PRO A 86 3.40 14.19 30.32
C PRO A 86 3.14 14.26 31.83
N ILE A 87 4.14 14.71 32.56
CA ILE A 87 4.02 14.85 34.04
C ILE A 87 4.41 16.25 34.49
N PHE A 88 4.43 17.23 33.56
CA PHE A 88 4.77 18.66 33.83
C PHE A 88 3.50 19.41 34.25
N GLU A 89 3.69 20.52 34.98
CA GLU A 89 2.60 21.44 35.42
C GLU A 89 1.63 21.67 34.26
N SER A 90 0.36 21.44 34.49
CA SER A 90 -0.68 21.39 33.43
C SER A 90 -2.04 21.61 34.05
N PRO A 91 -2.87 22.49 33.48
CA PRO A 91 -4.27 22.57 33.86
C PRO A 91 -5.07 21.33 33.53
N MET A 92 -4.49 20.38 32.79
CA MET A 92 -5.07 19.03 32.54
C MET A 92 -6.24 19.06 31.56
N VAL A 93 -6.41 20.14 30.79
CA VAL A 93 -7.44 20.23 29.73
C VAL A 93 -7.25 19.08 28.75
N ASP A 94 -5.99 18.77 28.40
CA ASP A 94 -5.61 17.59 27.57
C ASP A 94 -4.75 16.58 28.38
N PHE A 95 -5.05 16.41 29.66
CA PHE A 95 -4.38 15.52 30.63
C PHE A 95 -2.87 15.55 30.44
N GLY A 96 -2.35 16.76 30.38
CA GLY A 96 -0.91 17.04 30.53
C GLY A 96 -0.24 17.47 29.24
N TYR A 97 -0.92 17.34 28.10
CA TYR A 97 -0.34 17.76 26.80
C TYR A 97 -0.58 19.29 26.65
N ASP A 98 -1.16 19.89 27.69
CA ASP A 98 -1.39 21.36 27.81
C ASP A 98 -0.54 21.84 28.99
N ILE A 99 0.70 22.23 28.70
CA ILE A 99 1.72 22.44 29.75
C ILE A 99 1.83 23.93 30.11
N SER A 100 1.65 24.25 31.38
CA SER A 100 1.69 25.63 31.93
C SER A 100 3.08 25.90 32.49
N ASN A 101 3.88 24.87 32.79
CA ASN A 101 5.30 25.11 33.20
C ASN A 101 6.13 23.90 32.82
N PHE A 102 7.06 24.06 31.88
CA PHE A 102 7.83 22.92 31.32
C PHE A 102 8.93 22.50 32.28
N TYR A 103 9.10 23.17 33.42
CA TYR A 103 10.29 22.98 34.30
C TYR A 103 9.89 22.44 35.66
N ASP A 104 8.66 21.96 35.81
CA ASP A 104 8.25 21.43 37.14
C ASP A 104 7.14 20.38 36.98
N ILE A 105 6.95 19.58 38.03
CA ILE A 105 6.02 18.42 38.06
C ILE A 105 4.61 18.89 38.39
N HIS A 106 3.64 18.29 37.69
CA HIS A 106 2.21 18.44 37.97
C HIS A 106 1.87 17.96 39.38
N TYR A 107 1.23 18.82 40.16
CA TYR A 107 1.09 18.59 41.62
C TYR A 107 0.36 17.28 41.92
N GLU A 108 -0.63 16.88 41.12
CA GLU A 108 -1.45 15.66 41.39
C GLU A 108 -0.56 14.42 41.26
N TYR A 109 0.53 14.52 40.50
CA TYR A 109 1.47 13.40 40.20
C TYR A 109 2.58 13.38 41.24
N GLY A 110 2.91 14.53 41.79
CA GLY A 110 3.92 14.65 42.85
C GLY A 110 4.74 15.91 42.70
N THR A 111 5.98 15.81 43.15
CA THR A 111 6.91 16.94 43.25
C THR A 111 8.15 16.58 42.46
N MET A 112 9.06 17.54 42.30
CA MET A 112 10.35 17.34 41.62
C MET A 112 11.11 16.24 42.38
N GLU A 113 11.00 16.24 43.71
CA GLU A 113 11.75 15.31 44.58
C GLU A 113 11.30 13.89 44.22
N ASP A 114 9.99 13.69 44.03
CA ASP A 114 9.43 12.38 43.58
C ASP A 114 10.02 12.02 42.20
N PHE A 115 10.16 12.97 41.28
CA PHE A 115 10.72 12.70 39.94
C PHE A 115 12.19 12.27 40.07
N GLU A 116 12.96 12.98 40.90
CA GLU A 116 14.40 12.66 41.12
C GLU A 116 14.54 11.25 41.70
N GLU A 117 13.65 10.87 42.62
CA GLU A 117 13.64 9.52 43.26
C GLU A 117 13.26 8.47 42.20
N LEU A 118 12.31 8.77 41.32
CA LEU A 118 11.90 7.88 40.19
C LEU A 118 13.11 7.64 39.28
N LEU A 119 13.83 8.67 38.92
CA LEU A 119 14.99 8.54 38.00
C LEU A 119 16.07 7.70 38.69
N ASP A 120 16.34 8.01 39.97
CA ASP A 120 17.35 7.32 40.78
C ASP A 120 16.99 5.84 40.92
N LYS A 121 15.76 5.48 41.30
CA LYS A 121 15.39 4.04 41.48
C LYS A 121 15.27 3.33 40.12
N ALA A 122 14.65 3.95 39.13
CA ALA A 122 14.64 3.39 37.76
C ALA A 122 16.07 3.11 37.30
N HIS A 123 17.03 4.04 37.45
CA HIS A 123 18.42 3.81 36.97
C HIS A 123 19.12 2.69 37.77
N GLU A 124 18.85 2.59 39.06
CA GLU A 124 19.46 1.55 39.93
C GLU A 124 19.01 0.18 39.41
N LEU A 125 17.80 0.11 38.86
CA LEU A 125 17.19 -1.14 38.35
C LEU A 125 17.61 -1.38 36.89
N GLY A 126 18.45 -0.50 36.34
CA GLY A 126 19.00 -0.61 34.96
C GLY A 126 18.02 -0.12 33.89
N LEU A 127 16.95 0.59 34.28
CA LEU A 127 15.89 1.09 33.39
C LEU A 127 16.36 2.42 32.81
N LYS A 128 16.01 2.67 31.56
CA LYS A 128 16.13 4.03 30.95
C LYS A 128 14.79 4.72 31.06
N VAL A 129 14.82 6.04 31.23
CA VAL A 129 13.58 6.83 31.47
C VAL A 129 13.54 7.97 30.48
N LEU A 130 12.47 7.98 29.68
CA LEU A 130 12.22 9.08 28.73
C LEU A 130 11.01 9.87 29.20
N LEU A 131 11.04 11.17 28.92
CA LEU A 131 9.99 12.17 29.18
C LEU A 131 9.29 12.55 27.87
N ASP A 132 7.99 12.79 28.00
CA ASP A 132 7.13 13.30 26.90
C ASP A 132 7.34 14.80 26.79
N PHE A 133 7.96 15.23 25.70
CA PHE A 133 8.25 16.64 25.38
C PHE A 133 7.18 17.08 24.37
N VAL A 134 6.61 18.24 24.63
CA VAL A 134 5.43 18.74 23.87
C VAL A 134 5.81 20.09 23.27
N PRO A 135 6.65 20.13 22.21
CA PRO A 135 7.22 21.37 21.71
C PRO A 135 6.27 22.16 20.84
N ASN A 136 5.17 21.56 20.36
CA ASN A 136 4.29 22.31 19.42
C ASN A 136 3.59 23.45 20.12
N HIS A 137 3.27 23.35 21.41
CA HIS A 137 2.24 24.24 22.01
C HIS A 137 2.38 24.25 23.52
N ALA A 138 1.88 25.32 24.10
CA ALA A 138 1.84 25.54 25.56
C ALA A 138 0.43 25.84 25.97
N SER A 139 0.12 25.55 27.24
CA SER A 139 -1.13 25.97 27.90
C SER A 139 -1.28 27.48 27.72
N ASN A 140 -2.51 27.93 27.54
CA ASN A 140 -2.90 29.37 27.65
C ASN A 140 -2.76 29.84 29.12
N GLU A 141 -2.38 28.98 30.06
CA GLU A 141 -2.09 29.42 31.47
C GLU A 141 -0.59 29.43 31.73
N SER A 142 0.21 29.14 30.71
CA SER A 142 1.68 29.29 30.74
C SER A 142 2.04 30.77 30.87
N GLU A 143 3.14 31.03 31.57
CA GLU A 143 3.75 32.39 31.64
C GLU A 143 4.03 32.83 30.19
N TYR A 144 4.53 31.93 29.35
CA TYR A 144 4.84 32.28 27.94
C TYR A 144 3.63 32.98 27.31
N PHE A 145 2.45 32.37 27.45
CA PHE A 145 1.23 32.89 26.78
C PHE A 145 0.75 34.19 27.43
N ILE A 146 0.68 34.24 28.77
CA ILE A 146 0.15 35.45 29.47
C ILE A 146 1.03 36.64 29.10
N LYS A 147 2.36 36.46 29.09
CA LYS A 147 3.29 37.51 28.65
C LYS A 147 3.14 37.80 27.15
N SER A 148 2.99 36.77 26.30
CA SER A 148 2.79 37.00 24.84
C SER A 148 1.51 37.79 24.56
N GLU A 149 0.40 37.40 25.20
CA GLU A 149 -0.91 38.05 24.99
C GLU A 149 -0.80 39.53 25.40
N ALA A 150 -0.02 39.82 26.45
CA ALA A 150 0.19 41.19 27.00
C ALA A 150 1.28 41.92 26.20
N ARG A 151 1.89 41.27 25.20
CA ARG A 151 2.91 41.87 24.30
C ARG A 151 4.14 42.22 25.15
N GLU A 152 4.44 41.42 26.14
CA GLU A 152 5.63 41.71 26.97
C GLU A 152 6.84 41.53 26.06
N PRO A 153 7.87 42.40 26.14
CA PRO A 153 8.99 42.31 25.23
C PRO A 153 9.62 40.91 25.34
N GLY A 154 10.04 40.35 24.21
CA GLY A 154 10.70 39.04 24.15
C GLY A 154 9.68 37.91 24.08
N TYR A 155 8.40 38.20 24.32
CA TYR A 155 7.30 37.19 24.28
C TYR A 155 6.25 37.53 23.22
N GLU A 156 6.33 38.71 22.62
CA GLU A 156 5.25 39.20 21.73
C GLU A 156 5.01 38.20 20.59
N ASN A 157 6.10 37.65 20.03
CA ASN A 157 6.08 36.72 18.86
C ASN A 157 6.44 35.29 19.29
N PHE A 158 6.12 34.91 20.53
CA PHE A 158 6.37 33.53 21.02
C PHE A 158 5.37 32.56 20.39
N PHE A 159 4.20 33.05 20.06
CA PHE A 159 3.08 32.26 19.50
C PHE A 159 2.69 32.85 18.15
N ILE A 160 1.89 32.10 17.40
CA ILE A 160 1.41 32.53 16.06
C ILE A 160 0.22 33.47 16.31
N TRP A 161 0.46 34.77 16.22
CA TRP A 161 -0.58 35.82 16.32
C TRP A 161 -0.87 36.40 14.95
N ALA A 162 -2.15 36.61 14.63
CA ALA A 162 -2.52 37.16 13.30
C ALA A 162 -3.71 38.12 13.40
N ASP A 163 -3.65 39.19 12.65
CA ASP A 163 -4.84 40.07 12.54
C ASP A 163 -5.98 39.31 11.85
N PRO A 164 -7.24 39.78 12.00
CA PRO A 164 -8.35 39.27 11.21
C PRO A 164 -8.04 39.48 9.72
N LEU A 165 -8.59 38.59 8.89
CA LEU A 165 -8.45 38.70 7.42
C LEU A 165 -9.23 39.96 7.03
N PRO A 166 -8.61 40.90 6.29
CA PRO A 166 -9.36 42.03 5.75
C PRO A 166 -10.57 41.49 4.96
N ASN A 167 -11.71 42.16 5.13
CA ASN A 167 -13.05 41.79 4.63
C ASN A 167 -13.47 42.93 3.70
N PRO A 168 -13.12 42.94 2.40
CA PRO A 168 -13.54 44.05 1.55
C PRO A 168 -15.05 44.10 1.25
N GLU A 169 -15.74 42.96 1.34
CA GLU A 169 -17.22 42.85 1.12
C GLU A 169 -17.94 43.63 2.23
N ASN A 170 -17.56 43.45 3.51
CA ASN A 170 -18.06 44.29 4.63
C ASN A 170 -16.91 44.60 5.57
N PRO A 171 -16.27 45.77 5.41
CA PRO A 171 -15.11 46.14 6.21
C PRO A 171 -15.42 46.04 7.72
N GLY A 172 -14.48 45.47 8.47
CA GLY A 172 -14.58 45.34 9.93
C GLY A 172 -15.52 44.24 10.39
N VAL A 173 -16.16 43.48 9.50
CA VAL A 173 -16.76 42.17 9.90
C VAL A 173 -15.60 41.21 10.13
N ARG A 174 -15.48 40.65 11.34
CA ARG A 174 -14.23 39.95 11.75
C ARG A 174 -14.18 38.58 11.10
N LEU A 175 -13.13 38.32 10.33
CA LEU A 175 -12.89 37.00 9.71
C LEU A 175 -11.63 36.43 10.30
N PRO A 176 -11.57 35.07 10.47
CA PRO A 176 -10.33 34.45 10.91
C PRO A 176 -9.24 34.60 9.85
N PRO A 177 -7.94 34.51 10.21
CA PRO A 177 -6.88 34.65 9.25
C PRO A 177 -7.00 33.65 8.09
N SER A 178 -7.64 32.49 8.32
CA SER A 178 -7.74 31.40 7.32
C SER A 178 -8.78 30.39 7.75
N ASN A 179 -9.03 29.40 6.91
CA ASN A 179 -10.05 28.35 7.12
C ASN A 179 -9.49 27.22 8.00
N TRP A 180 -8.32 27.40 8.60
CA TRP A 180 -7.62 26.24 9.23
C TRP A 180 -8.46 25.66 10.36
N VAL A 181 -8.48 24.32 10.45
CA VAL A 181 -9.34 23.52 11.35
C VAL A 181 -8.44 22.81 12.37
N SER A 182 -8.87 22.90 13.63
CA SER A 182 -8.22 22.25 14.79
C SER A 182 -8.43 20.72 14.72
N GLN A 183 -7.40 19.99 15.16
CA GLN A 183 -7.44 18.51 15.38
C GLN A 183 -8.55 18.11 16.38
N PHE A 184 -9.01 19.04 17.24
CA PHE A 184 -10.07 18.77 18.25
C PHE A 184 -11.39 19.48 17.88
N GLY A 185 -11.60 19.81 16.61
CA GLY A 185 -12.86 20.43 16.12
C GLY A 185 -12.84 21.94 16.19
N GLY A 186 -13.55 22.60 15.26
CA GLY A 186 -13.64 24.08 15.16
C GLY A 186 -12.41 24.69 14.51
N SER A 187 -12.46 26.01 14.35
CA SER A 187 -11.36 26.82 13.80
C SER A 187 -10.10 26.62 14.63
N ALA A 188 -8.96 26.61 13.96
CA ALA A 188 -7.63 26.59 14.60
C ALA A 188 -7.23 27.99 15.05
N TRP A 189 -8.09 28.97 14.83
CA TRP A 189 -7.81 30.37 15.28
C TRP A 189 -8.81 30.82 16.34
N GLU A 190 -8.28 31.28 17.48
CA GLU A 190 -9.02 31.79 18.65
C GLU A 190 -8.74 33.30 18.83
N TRP A 191 -9.83 34.08 18.91
CA TRP A 191 -9.81 35.53 19.17
C TRP A 191 -9.39 35.80 20.61
N SER A 192 -8.36 36.67 20.79
CA SER A 192 -7.95 37.33 22.05
C SER A 192 -8.58 38.74 22.07
N GLU A 193 -9.55 39.01 22.95
CA GLU A 193 -10.14 40.38 23.12
C GLU A 193 -9.02 41.33 23.56
N LYS A 194 -8.07 40.85 24.37
CA LYS A 194 -6.99 41.68 24.95
C LYS A 194 -6.03 42.16 23.85
N ARG A 195 -5.59 41.26 22.98
CA ARG A 195 -4.53 41.58 21.98
C ARG A 195 -5.20 42.04 20.67
N GLN A 196 -6.51 41.85 20.54
CA GLN A 196 -7.27 42.16 19.30
C GLN A 196 -6.55 41.48 18.14
N GLN A 197 -6.26 40.19 18.28
CA GLN A 197 -5.68 39.34 17.21
C GLN A 197 -6.11 37.92 17.52
N TYR A 198 -6.01 37.06 16.52
CA TYR A 198 -6.25 35.61 16.67
C TYR A 198 -4.92 34.96 17.05
N TYR A 199 -4.98 33.87 17.82
CA TYR A 199 -3.80 33.00 17.99
C TYR A 199 -4.14 31.64 17.39
N LEU A 200 -3.08 30.92 17.02
CA LEU A 200 -3.24 29.59 16.40
C LEU A 200 -3.23 28.51 17.49
N HIS A 201 -4.19 27.60 17.41
CA HIS A 201 -4.20 26.31 18.14
C HIS A 201 -4.54 25.21 17.16
N GLN A 202 -3.55 24.39 16.80
CA GLN A 202 -3.83 23.15 16.03
C GLN A 202 -4.58 22.15 16.94
N PHE A 203 -4.41 22.22 18.26
CA PHE A 203 -5.10 21.29 19.17
C PHE A 203 -6.18 22.07 19.92
N ALA A 204 -6.27 21.91 21.23
CA ALA A 204 -7.35 22.61 21.99
C ALA A 204 -7.14 24.12 21.92
N ILE A 205 -8.20 24.86 22.15
CA ILE A 205 -8.17 26.35 22.36
C ILE A 205 -7.11 26.68 23.42
N GLN A 206 -6.93 25.80 24.40
CA GLN A 206 -5.99 26.03 25.53
C GLN A 206 -4.55 25.67 25.19
N GLN A 207 -4.29 25.17 23.98
CA GLN A 207 -2.97 24.71 23.53
C GLN A 207 -2.53 25.67 22.43
N VAL A 208 -1.64 26.56 22.77
CA VAL A 208 -1.29 27.70 21.88
C VAL A 208 -0.02 27.34 21.09
N ASP A 209 -0.08 27.37 19.77
CA ASP A 209 1.07 27.01 18.88
C ASP A 209 2.20 28.05 19.00
N PHE A 210 3.37 27.58 19.39
CA PHE A 210 4.63 28.36 19.40
C PHE A 210 4.97 28.76 17.96
N ASP A 211 5.63 29.89 17.80
CA ASP A 211 6.20 30.28 16.49
C ASP A 211 7.58 29.64 16.34
N PHE A 212 7.70 28.60 15.51
CA PHE A 212 9.00 27.90 15.34
C PHE A 212 9.91 28.67 14.37
N ARG A 213 9.50 29.86 13.87
CA ARG A 213 10.41 30.75 13.10
C ARG A 213 11.05 31.81 13.99
N ASN A 214 10.68 31.84 15.28
CA ASN A 214 11.27 32.73 16.30
C ASN A 214 12.47 32.04 16.93
N PRO A 215 13.71 32.56 16.76
CA PRO A 215 14.89 31.90 17.31
C PRO A 215 14.75 31.78 18.84
N ALA A 216 14.02 32.68 19.47
CA ALA A 216 13.80 32.69 20.95
C ALA A 216 12.99 31.45 21.37
N VAL A 217 11.92 31.10 20.62
CA VAL A 217 11.19 29.81 20.79
C VAL A 217 12.14 28.59 20.65
N LYS A 218 12.95 28.57 19.59
CA LYS A 218 13.88 27.46 19.30
C LYS A 218 14.89 27.38 20.44
N GLN A 219 15.38 28.53 20.91
CA GLN A 219 16.30 28.55 22.09
C GLN A 219 15.56 27.95 23.30
N GLU A 220 14.29 28.32 23.51
CA GLU A 220 13.57 27.87 24.71
C GLU A 220 13.45 26.33 24.67
N MET A 221 13.28 25.72 23.49
CA MET A 221 13.18 24.24 23.40
C MET A 221 14.49 23.59 23.83
N PHE A 222 15.65 24.11 23.43
CA PHE A 222 16.93 23.56 23.93
C PHE A 222 16.99 23.74 25.44
N ASN A 223 16.50 24.86 25.96
CA ASN A 223 16.58 25.14 27.42
C ASN A 223 15.81 24.06 28.16
N ILE A 224 14.59 23.73 27.68
CA ILE A 224 13.74 22.70 28.35
C ILE A 224 14.46 21.35 28.31
N MET A 225 14.95 20.91 27.15
CA MET A 225 15.56 19.57 27.03
C MET A 225 16.81 19.57 27.90
N LYS A 226 17.58 20.65 27.89
CA LYS A 226 18.86 20.69 28.64
C LYS A 226 18.56 20.50 30.13
N PHE A 227 17.54 21.18 30.62
CA PHE A 227 17.06 21.08 32.03
C PHE A 227 16.83 19.61 32.40
N TRP A 228 15.98 18.88 31.66
CA TRP A 228 15.59 17.49 32.01
C TRP A 228 16.73 16.48 31.75
N LEU A 229 17.56 16.65 30.71
CA LEU A 229 18.76 15.80 30.54
C LEU A 229 19.68 16.00 31.76
N ASP A 230 19.85 17.24 32.23
CA ASP A 230 20.72 17.54 33.40
C ASP A 230 20.20 16.81 34.64
N LYS A 231 18.88 16.61 34.78
CA LYS A 231 18.29 15.85 35.91
C LYS A 231 18.64 14.36 35.77
N GLY A 232 19.01 13.91 34.55
CA GLY A 232 19.43 12.56 34.17
C GLY A 232 18.40 11.81 33.32
N ALA A 233 17.47 12.52 32.65
CA ALA A 233 16.51 11.84 31.74
C ALA A 233 17.32 11.15 30.64
N ASP A 234 16.88 9.98 30.14
CA ASP A 234 17.63 9.22 29.08
C ASP A 234 17.13 9.65 27.69
N GLY A 235 16.23 10.62 27.65
CA GLY A 235 15.84 11.28 26.39
C GLY A 235 14.37 11.61 26.37
N PHE A 236 13.79 11.72 25.18
CA PHE A 236 12.41 12.23 25.03
C PHE A 236 11.67 11.56 23.89
N ARG A 237 10.35 11.48 24.11
CA ARG A 237 9.33 11.20 23.08
C ARG A 237 8.78 12.59 22.70
N LEU A 238 8.84 12.90 21.43
CA LEU A 238 8.52 14.28 20.94
C LEU A 238 7.10 14.24 20.37
N ASP A 239 6.23 15.12 20.87
CA ASP A 239 4.78 15.13 20.59
C ASP A 239 4.48 15.93 19.31
N ALA A 240 3.63 15.40 18.40
CA ALA A 240 2.82 16.22 17.46
C ALA A 240 3.72 16.96 16.46
N LEU A 241 4.81 16.36 16.04
CA LEU A 241 5.86 17.07 15.27
C LEU A 241 5.36 17.46 13.87
N PRO A 242 4.40 16.74 13.24
CA PRO A 242 3.94 17.16 11.90
C PRO A 242 3.36 18.59 11.91
N TYR A 243 2.92 19.07 13.07
CA TYR A 243 2.18 20.35 13.18
C TYR A 243 3.11 21.51 13.56
N LEU A 244 4.42 21.31 13.62
CA LEU A 244 5.31 22.33 14.23
C LEU A 244 5.14 23.64 13.46
N ILE A 245 5.31 23.59 12.14
CA ILE A 245 5.42 24.80 11.30
C ILE A 245 4.25 24.83 10.32
N GLU A 246 3.78 26.06 10.10
CA GLU A 246 2.69 26.42 9.16
C GLU A 246 3.22 27.46 8.16
N ALA A 247 2.48 27.61 7.07
CA ALA A 247 2.82 28.54 5.96
C ALA A 247 3.15 29.93 6.54
N ASP A 248 4.27 30.51 6.09
CA ASP A 248 4.69 31.89 6.37
C ASP A 248 3.79 32.84 5.58
N PRO A 249 3.12 33.82 6.23
CA PRO A 249 2.36 34.82 5.49
C PRO A 249 3.19 35.59 4.43
N ALA A 250 4.48 35.79 4.69
CA ALA A 250 5.39 36.47 3.73
C ALA A 250 5.44 35.74 2.39
N ASP A 251 4.98 34.48 2.30
CA ASP A 251 5.00 33.68 1.04
C ASP A 251 3.58 33.64 0.44
N HIS A 252 2.61 34.36 1.00
CA HIS A 252 1.20 34.31 0.54
C HIS A 252 0.61 35.72 0.55
N GLU A 253 1.42 36.72 0.15
CA GLU A 253 0.95 38.12 -0.05
C GLU A 253 0.49 38.65 1.31
N GLY A 254 1.21 38.29 2.38
CA GLY A 254 1.01 38.76 3.75
C GLY A 254 -0.29 38.26 4.36
N ARG A 255 -0.84 37.14 3.92
CA ARG A 255 -1.93 36.49 4.67
C ARG A 255 -1.52 35.05 4.98
N TYR A 256 -2.31 34.43 5.84
CA TYR A 256 -2.27 32.98 6.10
C TYR A 256 -3.13 32.36 5.03
N PRO A 257 -2.56 31.47 4.18
CA PRO A 257 -3.31 30.95 3.04
C PRO A 257 -4.31 29.91 3.56
N ASP A 258 -5.53 29.87 3.00
CA ASP A 258 -6.50 28.80 3.29
C ASP A 258 -5.88 27.45 2.95
N ASP A 259 -6.17 26.43 3.75
CA ASP A 259 -5.87 25.02 3.36
C ASP A 259 -6.89 24.65 2.30
N PRO A 260 -6.48 23.88 1.26
CA PRO A 260 -7.42 23.32 0.28
C PRO A 260 -8.61 22.61 0.93
N LEU A 261 -9.80 22.74 0.35
CA LEU A 261 -11.01 22.01 0.79
C LEU A 261 -10.89 20.55 0.35
N SER A 262 -11.58 19.64 1.06
CA SER A 262 -11.58 18.17 0.85
C SER A 262 -12.74 17.74 -0.06
N GLY A 263 -13.96 18.22 0.20
CA GLY A 263 -15.18 17.89 -0.58
C GLY A 263 -16.07 16.91 0.16
N LEU A 264 -15.46 16.02 0.93
CA LEU A 264 -16.17 14.99 1.75
C LEU A 264 -17.35 15.68 2.47
N THR A 265 -18.57 15.43 2.01
CA THR A 265 -19.78 16.24 2.34
C THR A 265 -20.27 15.92 3.76
N GLN A 266 -19.68 14.96 4.47
CA GLN A 266 -20.05 14.70 5.90
C GLN A 266 -19.37 15.79 6.76
N PHE A 267 -18.49 16.60 6.17
CA PHE A 267 -17.61 17.55 6.92
C PHE A 267 -17.94 19.01 6.56
N GLU A 268 -18.44 19.77 7.55
CA GLU A 268 -18.66 21.24 7.42
C GLU A 268 -17.41 22.01 7.88
N SER A 269 -17.39 23.31 7.66
CA SER A 269 -16.19 24.19 7.78
C SER A 269 -15.55 24.14 9.18
N HIS A 270 -16.34 23.85 10.22
CA HIS A 270 -15.92 23.72 11.64
C HIS A 270 -15.56 22.27 11.99
N GLN A 271 -15.52 21.35 11.02
CA GLN A 271 -15.31 19.90 11.34
C GLN A 271 -13.99 19.42 10.71
N LEU A 272 -13.22 18.71 11.52
CA LEU A 272 -11.95 18.13 11.06
C LEU A 272 -12.27 17.24 9.85
N GLY A 273 -11.58 17.45 8.74
CA GLY A 273 -11.76 16.68 7.49
C GLY A 273 -12.21 17.58 6.36
N TYR A 274 -12.83 18.72 6.68
CA TYR A 274 -13.22 19.78 5.73
C TYR A 274 -12.04 20.31 4.94
N THR A 275 -10.82 20.29 5.49
CA THR A 275 -9.61 20.80 4.81
C THR A 275 -8.59 19.68 4.61
N ILE A 276 -7.67 19.86 3.64
CA ILE A 276 -6.42 19.06 3.43
C ILE A 276 -5.28 19.92 3.98
N PRO A 277 -4.49 19.39 4.94
CA PRO A 277 -3.55 20.27 5.66
C PRO A 277 -2.25 20.61 4.95
N LEU A 278 -2.33 21.16 3.74
CA LEU A 278 -1.16 21.49 2.87
C LEU A 278 -0.24 22.53 3.52
N TYR A 279 -0.82 23.59 4.14
CA TYR A 279 -0.08 24.73 4.70
C TYR A 279 0.03 24.64 6.23
N THR A 280 -0.44 23.54 6.87
CA THR A 280 -0.52 23.42 8.35
C THR A 280 0.11 22.11 8.89
N LYS A 281 0.58 21.24 8.03
CA LYS A 281 1.14 19.92 8.48
C LYS A 281 2.24 19.46 7.54
N ASP A 282 3.31 18.86 8.10
CA ASP A 282 4.35 18.16 7.31
C ASP A 282 5.16 19.15 6.49
N LEU A 283 5.23 20.41 6.87
CA LEU A 283 6.09 21.36 6.12
C LEU A 283 7.55 20.92 6.26
N ILE A 284 8.31 21.03 5.19
CA ILE A 284 9.72 20.55 5.16
C ILE A 284 10.56 21.26 6.24
N GLU A 285 10.26 22.52 6.58
CA GLU A 285 11.01 23.30 7.60
C GLU A 285 10.96 22.57 8.95
N LEU A 286 9.88 21.82 9.27
CA LEU A 286 9.79 21.19 10.61
C LEU A 286 10.97 20.25 10.79
N TYR A 287 11.39 19.57 9.73
CA TYR A 287 12.45 18.54 9.83
C TYR A 287 13.78 19.21 10.16
N ASP A 288 13.94 20.48 9.79
CA ASP A 288 15.17 21.23 10.07
C ASP A 288 15.27 21.43 11.57
N VAL A 289 14.14 21.64 12.25
CA VAL A 289 14.11 21.79 13.74
C VAL A 289 14.52 20.46 14.36
N VAL A 290 13.88 19.37 13.94
CA VAL A 290 14.23 17.98 14.40
C VAL A 290 15.73 17.74 14.25
N TYR A 291 16.30 17.99 13.07
CA TYR A 291 17.72 17.72 12.84
C TYR A 291 18.56 18.59 13.80
N GLU A 292 18.17 19.85 14.09
CA GLU A 292 18.88 20.73 15.07
C GLU A 292 18.79 20.12 16.48
N TRP A 293 17.64 19.54 16.84
CA TRP A 293 17.47 18.83 18.15
C TRP A 293 18.41 17.63 18.19
N ARG A 294 18.56 16.89 17.08
CA ARG A 294 19.42 15.68 17.10
C ARG A 294 20.88 16.18 17.29
N GLU A 295 21.24 17.25 16.60
CA GLU A 295 22.61 17.82 16.59
C GLU A 295 22.95 18.22 18.03
N PHE A 296 22.07 18.93 18.74
CA PHE A 296 22.19 19.26 20.19
C PHE A 296 22.32 17.98 21.06
N LEU A 297 21.49 16.96 20.81
CA LEU A 297 21.51 15.71 21.60
C LEU A 297 22.82 14.94 21.36
N ASP A 298 23.32 14.88 20.13
CA ASP A 298 24.62 14.25 19.82
C ASP A 298 25.70 15.02 20.59
N GLU A 299 25.62 16.35 20.62
CA GLU A 299 26.67 17.20 21.28
C GLU A 299 26.61 16.90 22.78
N TYR A 300 25.41 16.77 23.33
CA TYR A 300 25.20 16.49 24.76
C TYR A 300 25.77 15.10 25.10
N ASN A 301 25.39 14.07 24.36
CA ASN A 301 25.89 12.67 24.59
C ASN A 301 27.44 12.67 24.53
N LYS A 302 28.00 13.44 23.61
CA LYS A 302 29.47 13.46 23.35
C LYS A 302 30.16 14.10 24.54
N ASN A 303 29.57 15.15 25.10
CA ASN A 303 30.15 15.96 26.21
C ASN A 303 29.91 15.32 27.57
N HIS A 304 28.83 14.55 27.77
CA HIS A 304 28.47 14.01 29.12
C HIS A 304 28.83 12.53 29.21
N GLY A 305 29.08 11.85 28.09
CA GLY A 305 29.23 10.39 28.03
C GLY A 305 28.09 9.71 28.77
N GLY A 306 28.32 8.50 29.28
CA GLY A 306 27.29 7.59 29.82
C GLY A 306 26.40 7.10 28.69
N ASP A 307 25.28 6.47 29.03
CA ASP A 307 24.33 5.88 28.06
C ASP A 307 23.81 6.96 27.12
N THR A 308 23.81 6.66 25.83
CA THR A 308 23.19 7.48 24.76
C THR A 308 21.80 7.93 25.23
N ARG A 309 21.58 9.24 25.15
CA ARG A 309 20.24 9.87 25.26
C ARG A 309 19.61 9.98 23.88
N VAL A 310 18.29 9.71 23.80
CA VAL A 310 17.64 9.47 22.48
C VAL A 310 16.41 10.35 22.32
N VAL A 311 15.99 10.62 21.08
CA VAL A 311 14.64 11.19 20.82
C VAL A 311 13.91 10.24 19.87
N PHE A 312 12.68 9.94 20.23
CA PHE A 312 11.74 9.09 19.46
C PHE A 312 10.57 10.03 19.11
N SER A 313 10.24 10.20 17.83
CA SER A 313 9.27 11.25 17.42
C SER A 313 7.89 10.61 17.20
N GLU A 314 6.86 11.38 17.50
CA GLU A 314 5.44 11.02 17.25
C GLU A 314 4.99 11.83 16.05
N GLY A 315 4.68 11.16 14.97
CA GLY A 315 4.25 11.75 13.70
C GLY A 315 3.33 10.79 12.97
N TYR A 316 2.02 11.04 12.97
CA TYR A 316 1.09 10.36 12.05
C TYR A 316 1.20 11.10 10.72
N ALA A 317 1.77 10.44 9.75
CA ALA A 317 2.04 11.03 8.43
C ALA A 317 2.13 9.95 7.38
N ASN A 318 2.22 10.35 6.10
CA ASN A 318 2.46 9.31 5.07
C ASN A 318 3.89 8.74 5.19
N VAL A 319 4.17 7.71 4.42
CA VAL A 319 5.47 6.96 4.53
C VAL A 319 6.62 7.91 4.21
N SER A 320 6.50 8.77 3.19
CA SER A 320 7.64 9.66 2.79
C SER A 320 7.93 10.60 3.94
N MET A 321 6.87 11.22 4.44
CA MET A 321 6.96 12.28 5.47
C MET A 321 7.37 11.64 6.80
N THR A 322 6.95 10.39 7.01
CA THR A 322 7.37 9.66 8.23
C THR A 322 8.89 9.40 8.18
N MET A 323 9.42 8.98 7.04
CA MET A 323 10.82 8.46 6.99
C MET A 323 11.77 9.64 7.07
N LEU A 324 11.33 10.85 6.75
CA LEU A 324 12.20 12.03 6.81
C LEU A 324 12.55 12.34 8.27
N TYR A 325 11.82 11.80 9.25
CA TYR A 325 12.19 12.00 10.67
C TYR A 325 13.52 11.30 10.95
N TYR A 326 13.86 10.23 10.22
CA TYR A 326 15.15 9.56 10.48
C TYR A 326 16.30 10.43 9.99
N GLY A 327 16.10 11.15 8.89
CA GLY A 327 17.12 11.96 8.21
C GLY A 327 16.71 12.20 6.78
N ASN A 328 17.62 12.75 5.97
CA ASN A 328 17.32 13.13 4.57
C ASN A 328 18.52 12.86 3.66
N GLU A 329 18.31 12.95 2.33
CA GLU A 329 19.30 12.68 1.26
C GLU A 329 20.59 13.49 1.49
N ASP A 330 20.50 14.73 1.96
CA ASP A 330 21.68 15.59 2.25
C ASP A 330 22.54 15.03 3.39
N GLY A 331 22.10 14.01 4.13
CA GLY A 331 22.89 13.36 5.19
C GLY A 331 22.57 13.87 6.59
N ALA A 332 21.61 14.79 6.74
CA ALA A 332 21.09 15.24 8.06
C ALA A 332 20.50 14.02 8.77
N ILE A 333 20.59 14.04 10.09
CA ILE A 333 20.15 12.97 11.01
C ILE A 333 19.08 13.53 11.92
N GLY A 334 17.97 12.80 12.04
CA GLY A 334 16.84 13.27 12.85
C GLY A 334 16.66 12.47 14.11
N ALA A 335 15.42 12.04 14.35
CA ALA A 335 15.04 11.25 15.52
C ALA A 335 15.75 9.90 15.43
N HIS A 336 16.14 9.38 16.56
CA HIS A 336 16.64 7.98 16.64
C HIS A 336 15.66 7.07 15.89
N PHE A 337 14.38 7.32 16.05
CA PHE A 337 13.40 6.79 15.07
C PHE A 337 12.11 7.57 15.26
N PRO A 338 11.36 7.72 14.16
CA PRO A 338 9.93 8.02 14.26
C PRO A 338 9.11 6.77 14.61
N PHE A 339 8.11 6.92 15.49
CA PHE A 339 7.20 5.82 15.83
C PHE A 339 6.60 5.27 14.54
N ASN A 340 6.54 3.94 14.47
CA ASN A 340 5.84 3.19 13.41
C ASN A 340 4.42 2.83 13.92
N PHE A 341 3.40 3.56 13.51
CA PHE A 341 1.99 3.35 13.93
C PHE A 341 1.23 2.39 13.00
N ASP A 342 1.91 1.58 12.18
CA ASP A 342 1.24 0.77 11.15
C ASP A 342 0.28 -0.23 11.77
N PHE A 343 0.56 -0.81 12.95
CA PHE A 343 -0.38 -1.78 13.58
C PHE A 343 -1.58 -1.06 14.21
N ILE A 344 -1.57 0.29 14.26
CA ILE A 344 -2.75 1.09 14.70
C ILE A 344 -3.53 1.58 13.47
N THR A 345 -2.82 2.11 12.46
CA THR A 345 -3.41 2.84 11.34
C THR A 345 -3.85 1.86 10.24
N ASP A 346 -3.18 0.73 10.05
CA ASP A 346 -3.36 -0.07 8.80
C ASP A 346 -3.74 -1.54 9.04
N LEU A 347 -3.79 -2.01 10.29
CA LEU A 347 -4.16 -3.41 10.55
C LEU A 347 -5.21 -3.40 11.64
N SER A 348 -6.04 -4.42 11.64
CA SER A 348 -7.13 -4.55 12.64
C SER A 348 -7.73 -5.96 12.52
N SER A 349 -8.86 -6.21 13.18
CA SER A 349 -9.53 -7.52 13.13
C SER A 349 -10.02 -7.76 11.70
N LYS A 350 -10.08 -6.73 10.85
CA LYS A 350 -10.52 -6.92 9.44
C LYS A 350 -9.38 -7.44 8.57
N SER A 351 -8.13 -7.44 9.07
CA SER A 351 -6.93 -7.79 8.31
C SER A 351 -6.77 -9.32 8.24
N ASN A 352 -6.45 -9.83 7.05
CA ASN A 352 -6.01 -11.23 6.91
C ASN A 352 -4.48 -11.31 6.99
N ALA A 353 -3.90 -12.50 6.85
CA ALA A 353 -2.46 -12.73 7.03
C ALA A 353 -1.69 -12.05 5.90
N ARG A 354 -2.29 -11.93 4.74
CA ARG A 354 -1.59 -11.26 3.62
C ARG A 354 -1.51 -9.75 3.95
N ASP A 355 -2.54 -9.18 4.59
CA ASP A 355 -2.52 -7.75 5.03
C ASP A 355 -1.39 -7.60 6.06
N PHE A 356 -1.31 -8.53 7.01
CA PHE A 356 -0.28 -8.49 8.08
C PHE A 356 1.10 -8.43 7.43
N VAL A 357 1.39 -9.36 6.51
CA VAL A 357 2.71 -9.40 5.82
C VAL A 357 2.95 -8.04 5.09
N TYR A 358 1.98 -7.60 4.33
CA TYR A 358 2.18 -6.47 3.38
C TYR A 358 2.39 -5.19 4.18
N ILE A 359 1.77 -5.09 5.35
CA ILE A 359 1.93 -3.87 6.20
C ILE A 359 3.27 -3.96 6.97
N ILE A 360 3.66 -5.12 7.48
CA ILE A 360 4.94 -5.28 8.21
C ILE A 360 6.05 -4.92 7.24
N LEU A 361 5.92 -5.34 5.97
CA LEU A 361 6.97 -5.07 4.98
C LEU A 361 7.08 -3.58 4.66
N ARG A 362 6.06 -2.77 4.89
CA ARG A 362 6.12 -1.34 4.52
C ARG A 362 7.26 -0.64 5.29
N TRP A 363 7.26 -0.71 6.63
CA TRP A 363 8.39 -0.05 7.36
C TRP A 363 9.75 -0.60 6.88
N LEU A 364 9.91 -1.92 6.85
CA LEU A 364 11.19 -2.55 6.46
C LEU A 364 11.59 -2.25 5.02
N THR A 365 10.66 -1.98 4.13
CA THR A 365 10.95 -1.63 2.72
C THR A 365 11.38 -0.15 2.65
N TYR A 366 10.76 0.71 3.44
CA TYR A 366 10.88 2.17 3.23
C TYR A 366 11.91 2.81 4.17
N MET A 367 12.16 2.17 5.30
CA MET A 367 13.15 2.69 6.28
C MET A 367 14.52 2.81 5.63
N PRO A 368 15.26 3.92 5.84
CA PRO A 368 16.59 4.08 5.27
C PRO A 368 17.51 3.01 5.84
N TYR A 369 18.54 2.67 5.07
CA TYR A 369 19.56 1.67 5.46
C TYR A 369 20.31 2.26 6.64
N GLY A 370 20.43 1.51 7.71
CA GLY A 370 21.06 1.93 8.97
C GLY A 370 20.00 2.31 9.99
N GLY A 371 18.76 2.47 9.54
CA GLY A 371 17.65 2.87 10.42
C GLY A 371 17.31 1.75 11.35
N ILE A 372 16.87 2.10 12.55
CA ILE A 372 16.33 1.13 13.52
C ILE A 372 14.81 1.03 13.36
N PRO A 373 14.31 -0.17 13.06
CA PRO A 373 12.86 -0.37 12.97
C PRO A 373 12.24 -0.36 14.39
N ASN A 374 10.95 -0.04 14.47
CA ASN A 374 10.18 -0.05 15.73
C ASN A 374 8.75 -0.44 15.39
N TRP A 375 7.99 -0.88 16.38
CA TRP A 375 6.63 -1.50 16.23
C TRP A 375 5.76 -1.04 17.38
N VAL A 376 4.72 -0.27 17.06
CA VAL A 376 3.78 0.25 18.08
C VAL A 376 2.44 -0.41 17.84
N PHE A 377 1.86 -1.00 18.89
CA PHE A 377 0.55 -1.70 18.83
C PHE A 377 -0.55 -0.90 19.52
N GLY A 378 -0.16 0.14 20.22
CA GLY A 378 -1.10 1.01 20.94
C GLY A 378 -0.47 2.22 21.60
N ASN A 379 -1.36 3.11 22.02
CA ASN A 379 -0.98 4.30 22.82
C ASN A 379 -2.27 4.86 23.43
N HIS A 380 -2.12 5.97 24.15
CA HIS A 380 -3.20 6.62 24.92
C HIS A 380 -4.15 7.38 23.98
N ASP A 381 -3.92 7.38 22.65
CA ASP A 381 -4.75 8.14 21.68
C ASP A 381 -5.59 7.18 20.85
N ASN A 382 -5.40 5.86 21.03
CA ASN A 382 -6.03 4.80 20.20
C ASN A 382 -6.66 3.70 21.08
N ASN A 383 -7.58 2.96 20.50
CA ASN A 383 -8.22 1.80 21.16
C ASN A 383 -7.12 0.79 21.48
N ARG A 384 -7.34 0.05 22.54
CA ARG A 384 -6.35 -0.95 23.02
C ARG A 384 -6.25 -2.05 21.97
N MET A 385 -5.07 -2.66 21.93
CA MET A 385 -4.67 -3.69 20.94
C MET A 385 -5.69 -4.83 20.84
N PRO A 386 -6.17 -5.45 21.95
CA PRO A 386 -7.16 -6.54 21.89
C PRO A 386 -8.55 -6.13 21.40
N THR A 387 -8.88 -4.83 21.54
CA THR A 387 -10.14 -4.23 21.06
C THR A 387 -10.02 -3.96 19.56
N ARG A 388 -8.87 -3.47 19.09
CA ARG A 388 -8.66 -3.17 17.65
C ARG A 388 -8.65 -4.47 16.86
N PHE A 389 -8.00 -5.50 17.40
CA PHE A 389 -7.88 -6.87 16.85
C PHE A 389 -8.96 -7.72 17.51
N ARG A 390 -8.57 -8.86 18.11
CA ARG A 390 -9.52 -9.69 18.89
C ARG A 390 -8.85 -10.20 20.17
N HIS A 391 -9.66 -10.62 21.15
CA HIS A 391 -9.11 -11.09 22.46
C HIS A 391 -8.22 -12.34 22.30
N ASP A 392 -8.43 -13.13 21.25
CA ASP A 392 -7.67 -14.40 21.05
C ASP A 392 -6.43 -14.11 20.19
N MET A 393 -6.16 -12.83 19.87
CA MET A 393 -4.95 -12.53 19.05
C MET A 393 -3.86 -11.88 19.91
N VAL A 394 -4.10 -11.67 21.20
CA VAL A 394 -3.14 -10.93 22.06
C VAL A 394 -1.74 -11.51 22.01
N ASP A 395 -1.57 -12.82 22.22
CA ASP A 395 -0.21 -13.37 22.29
C ASP A 395 0.44 -13.24 20.90
N GLY A 396 -0.30 -13.51 19.82
CA GLY A 396 0.25 -13.42 18.45
C GLY A 396 0.77 -12.01 18.18
N LEU A 397 0.03 -11.00 18.60
CA LEU A 397 0.45 -9.59 18.41
C LEU A 397 1.69 -9.29 19.26
N ASN A 398 1.68 -9.61 20.53
CA ASN A 398 2.93 -9.44 21.35
C ASN A 398 4.11 -10.21 20.72
N ILE A 399 3.91 -11.40 20.13
CA ILE A 399 5.05 -12.13 19.51
C ILE A 399 5.59 -11.30 18.33
N ILE A 400 4.69 -10.85 17.47
CA ILE A 400 5.08 -9.98 16.32
C ILE A 400 6.00 -8.90 16.88
N ASN A 401 5.58 -8.20 17.92
CA ASN A 401 6.20 -6.96 18.43
C ASN A 401 7.62 -7.29 18.91
N MET A 402 7.74 -8.44 19.58
CA MET A 402 9.02 -8.87 20.19
C MET A 402 9.95 -9.57 19.19
N LEU A 403 9.45 -10.23 18.15
CA LEU A 403 10.21 -11.05 17.19
C LEU A 403 10.64 -10.29 15.93
N LEU A 404 9.96 -9.18 15.57
CA LEU A 404 10.40 -8.36 14.45
C LEU A 404 11.73 -7.73 14.84
N PRO A 405 12.57 -7.47 13.85
CA PRO A 405 13.81 -6.77 14.12
C PRO A 405 13.56 -5.40 14.75
N GLY A 406 14.52 -4.92 15.57
CA GLY A 406 14.58 -3.58 16.15
C GLY A 406 13.85 -3.50 17.51
N VAL A 407 13.06 -2.44 17.70
CA VAL A 407 12.48 -2.01 19.01
C VAL A 407 10.99 -2.40 19.09
N ALA A 408 10.64 -3.00 20.21
CA ALA A 408 9.27 -3.36 20.62
C ALA A 408 8.78 -2.21 21.47
N VAL A 409 7.63 -1.68 21.12
CA VAL A 409 6.93 -0.66 21.94
C VAL A 409 5.68 -1.27 22.53
N THR A 410 5.55 -1.20 23.85
CA THR A 410 4.39 -1.67 24.59
C THR A 410 3.69 -0.48 25.21
N TYR A 411 2.39 -0.44 25.03
CA TYR A 411 1.52 0.50 25.75
C TYR A 411 0.96 -0.21 26.99
N GLN A 412 1.03 0.50 28.11
CA GLN A 412 0.46 0.12 29.41
C GLN A 412 -0.78 -0.73 29.20
N GLY A 413 -0.73 -1.98 29.65
CA GLY A 413 -1.88 -2.91 29.63
C GLY A 413 -1.72 -4.04 28.60
N GLU A 414 -0.89 -3.86 27.57
CA GLU A 414 -0.81 -4.81 26.45
C GLU A 414 -0.15 -6.10 26.95
N GLU A 415 0.69 -5.98 27.97
CA GLU A 415 1.44 -7.13 28.56
C GLU A 415 0.46 -8.06 29.31
N ILE A 416 -0.78 -7.62 29.61
CA ILE A 416 -1.82 -8.50 30.25
C ILE A 416 -3.07 -8.55 29.38
N GLY A 417 -3.01 -8.00 28.14
CA GLY A 417 -4.16 -8.05 27.21
C GLY A 417 -5.33 -7.21 27.65
N MET A 418 -5.08 -6.07 28.31
CA MET A 418 -6.16 -5.14 28.70
C MET A 418 -6.99 -4.73 27.48
N ARG A 419 -8.31 -4.80 27.65
CA ARG A 419 -9.33 -4.38 26.67
C ARG A 419 -9.72 -2.95 27.04
N ASP A 420 -10.28 -2.25 26.06
CA ASP A 420 -10.90 -0.92 26.23
C ASP A 420 -11.93 -1.03 27.37
N GLY A 421 -11.90 -0.07 28.27
CA GLY A 421 -12.90 0.06 29.35
C GLY A 421 -14.13 0.79 28.83
N TYR A 422 -15.32 0.38 29.29
CA TYR A 422 -16.55 1.16 29.06
C TYR A 422 -16.42 2.49 29.78
N VAL A 423 -16.76 3.58 29.08
CA VAL A 423 -16.73 4.95 29.67
C VAL A 423 -17.98 5.64 29.17
N SER A 424 -18.87 6.01 30.08
CA SER A 424 -20.17 6.66 29.75
C SER A 424 -19.91 8.09 29.28
N TRP A 425 -20.90 8.70 28.62
CA TRP A 425 -20.91 10.16 28.38
C TRP A 425 -20.61 10.85 29.71
N GLU A 426 -21.29 10.46 30.78
CA GLU A 426 -21.21 11.16 32.10
C GLU A 426 -19.78 11.08 32.63
N ASP A 427 -19.04 10.01 32.36
CA ASP A 427 -17.68 9.85 32.94
C ASP A 427 -16.60 10.28 31.94
N THR A 428 -16.98 10.73 30.75
CA THR A 428 -16.02 11.08 29.67
C THR A 428 -15.37 12.42 30.04
N VAL A 429 -14.05 12.52 29.93
CA VAL A 429 -13.28 13.74 30.28
C VAL A 429 -12.36 14.18 29.12
N ASP A 430 -12.26 13.39 28.06
CA ASP A 430 -11.33 13.72 26.93
C ASP A 430 -11.89 14.95 26.18
N ILE A 431 -11.11 16.03 26.14
CA ILE A 431 -11.47 17.31 25.44
C ILE A 431 -11.88 17.02 23.99
N GLU A 432 -11.27 16.05 23.33
CA GLU A 432 -11.66 15.76 21.92
C GLU A 432 -13.15 15.38 21.90
N ALA A 433 -13.61 14.52 22.81
CA ALA A 433 -15.03 14.10 22.91
C ALA A 433 -15.94 15.25 23.36
N CYS A 434 -15.52 16.06 24.33
CA CYS A 434 -16.30 17.23 24.83
C CYS A 434 -16.47 18.26 23.69
N ASN A 435 -15.48 18.45 22.81
CA ASN A 435 -15.55 19.45 21.70
C ASN A 435 -16.31 18.90 20.48
N ARG A 436 -16.04 17.65 20.08
CA ARG A 436 -16.55 17.09 18.79
C ARG A 436 -17.79 16.22 19.07
N GLY A 437 -17.97 15.77 20.31
CA GLY A 437 -18.93 14.71 20.68
C GLY A 437 -20.21 15.27 21.28
N ASP A 438 -21.23 14.43 21.40
CA ASP A 438 -22.46 14.69 22.18
C ASP A 438 -22.80 13.33 22.82
N PRO A 439 -23.88 13.21 23.61
CA PRO A 439 -24.19 11.91 24.24
C PRO A 439 -24.23 10.73 23.25
N ASP A 440 -24.68 10.90 22.01
CA ASP A 440 -24.86 9.77 21.06
C ASP A 440 -23.59 9.51 20.25
N THR A 441 -22.64 10.44 20.17
CA THR A 441 -21.49 10.35 19.22
C THR A 441 -20.14 10.31 19.95
N TYR A 442 -20.10 10.56 21.28
CA TYR A 442 -18.88 10.82 22.08
C TYR A 442 -17.88 9.69 21.88
N HIS A 443 -18.43 8.47 21.72
CA HIS A 443 -17.68 7.19 21.55
C HIS A 443 -16.80 7.24 20.28
N LEU A 444 -17.15 8.07 19.28
CA LEU A 444 -16.40 8.24 18.00
C LEU A 444 -15.07 8.96 18.24
N TYR A 445 -14.94 9.79 19.26
CA TYR A 445 -13.85 10.76 19.46
C TYR A 445 -13.03 10.41 20.70
N SER A 446 -13.66 9.91 21.77
CA SER A 446 -13.07 9.81 23.11
C SER A 446 -11.95 8.78 23.09
N ARG A 447 -10.79 9.18 23.63
CA ARG A 447 -9.62 8.30 23.89
C ARG A 447 -9.69 7.68 25.29
N ASP A 448 -10.76 7.96 26.06
CA ASP A 448 -10.82 7.59 27.49
C ASP A 448 -10.82 6.06 27.62
N PRO A 449 -11.50 5.28 26.76
CA PRO A 449 -11.49 3.83 26.96
C PRO A 449 -10.11 3.18 27.08
N ALA A 450 -9.08 3.77 26.46
CA ALA A 450 -7.70 3.25 26.40
C ALA A 450 -6.86 3.83 27.55
N ARG A 451 -7.48 4.65 28.42
CA ARG A 451 -6.80 5.35 29.53
C ARG A 451 -7.37 4.89 30.89
N THR A 452 -8.23 3.87 30.90
CA THR A 452 -8.84 3.34 32.15
C THR A 452 -7.73 2.69 32.98
N PRO A 453 -7.85 2.75 34.32
CA PRO A 453 -6.80 2.33 35.21
C PRO A 453 -6.31 0.90 34.97
N TYR A 454 -5.03 0.75 35.17
CA TYR A 454 -4.26 -0.48 34.98
C TYR A 454 -4.75 -1.55 35.96
N HIS A 455 -4.88 -2.77 35.48
CA HIS A 455 -5.41 -3.90 36.30
C HIS A 455 -4.27 -4.61 37.01
N TRP A 456 -3.88 -4.20 38.23
CA TRP A 456 -2.82 -4.88 39.01
C TRP A 456 -3.32 -6.24 39.54
N ASP A 457 -4.56 -6.30 40.01
CA ASP A 457 -5.05 -7.46 40.80
C ASP A 457 -6.56 -7.34 40.88
N ASN A 458 -7.21 -8.14 41.73
CA ASN A 458 -8.70 -8.19 41.77
C ASN A 458 -9.20 -7.50 43.03
N SER A 459 -8.36 -6.69 43.69
CA SER A 459 -8.74 -5.81 44.82
C SER A 459 -9.50 -4.59 44.29
N THR A 460 -9.97 -3.73 45.20
CA THR A 460 -10.75 -2.52 44.85
C THR A 460 -10.02 -1.76 43.72
N SER A 461 -10.75 -1.42 42.66
CA SER A 461 -10.25 -0.63 41.51
C SER A 461 -9.04 -1.34 40.89
N ALA A 462 -9.08 -2.66 40.92
CA ALA A 462 -8.07 -3.54 40.29
C ALA A 462 -6.70 -3.23 40.87
N GLY A 463 -6.61 -2.77 42.13
CA GLY A 463 -5.36 -2.46 42.79
C GLY A 463 -4.65 -1.23 42.25
N PHE A 464 -5.22 -0.57 41.24
CA PHE A 464 -4.80 0.78 40.79
C PHE A 464 -4.88 1.78 41.95
N SER A 465 -5.97 1.68 42.73
CA SER A 465 -6.21 2.58 43.88
C SER A 465 -6.89 1.85 45.02
N THR A 466 -6.65 2.31 46.24
CA THR A 466 -7.46 1.90 47.43
C THR A 466 -8.83 2.57 47.42
N SER A 467 -8.99 3.69 46.69
CA SER A 467 -10.29 4.38 46.50
C SER A 467 -11.07 3.78 45.33
N THR A 468 -12.39 3.72 45.43
CA THR A 468 -13.31 3.35 44.33
C THR A 468 -13.62 4.58 43.45
N ASN A 469 -13.20 5.78 43.84
CA ASN A 469 -13.38 7.02 43.01
C ASN A 469 -12.11 7.21 42.18
N THR A 470 -12.07 6.64 40.98
CA THR A 470 -10.91 6.71 40.06
C THR A 470 -11.24 7.75 38.99
N TRP A 471 -10.21 8.39 38.44
CA TRP A 471 -10.43 9.58 37.57
C TRP A 471 -11.16 9.13 36.29
N LEU A 472 -10.96 7.87 35.90
CA LEU A 472 -11.79 7.20 34.89
C LEU A 472 -12.25 5.88 35.49
N PRO A 473 -13.45 5.41 35.11
CA PRO A 473 -13.95 4.14 35.64
C PRO A 473 -13.04 2.95 35.32
N VAL A 474 -12.80 2.12 36.31
CA VAL A 474 -12.05 0.83 36.12
C VAL A 474 -12.86 -0.10 35.21
N ALA A 475 -12.26 -0.68 34.17
CA ALA A 475 -12.97 -1.54 33.19
C ALA A 475 -13.65 -2.70 33.93
N GLU A 476 -14.81 -3.15 33.44
CA GLU A 476 -15.68 -4.14 34.10
C GLU A 476 -14.96 -5.49 34.18
N ASP A 477 -13.90 -5.73 33.41
CA ASP A 477 -13.41 -7.10 33.20
C ASP A 477 -12.17 -7.36 34.03
N TYR A 478 -11.88 -6.52 35.02
CA TYR A 478 -10.61 -6.61 35.78
C TYR A 478 -10.49 -7.89 36.63
N GLN A 479 -11.62 -8.52 36.94
CA GLN A 479 -11.63 -9.79 37.73
C GLN A 479 -10.97 -10.88 36.89
N GLU A 480 -11.34 -10.89 35.60
CA GLU A 480 -10.86 -11.79 34.52
C GLU A 480 -9.46 -11.35 34.07
N ILE A 481 -9.19 -10.03 33.95
CA ILE A 481 -7.93 -9.56 33.31
C ILE A 481 -7.15 -8.71 34.30
N ASN A 482 -6.17 -9.31 34.94
CA ASN A 482 -5.32 -8.56 35.89
C ASN A 482 -3.95 -9.24 35.98
N LEU A 483 -2.93 -8.45 36.30
CA LEU A 483 -1.52 -8.88 36.38
C LEU A 483 -1.40 -10.03 37.37
N ALA A 484 -1.94 -9.89 38.57
CA ALA A 484 -1.67 -10.89 39.63
C ALA A 484 -2.21 -12.26 39.20
N LYS A 485 -3.44 -12.32 38.70
CA LYS A 485 -4.06 -13.56 38.19
C LYS A 485 -3.08 -14.17 37.18
N GLN A 486 -2.55 -13.34 36.28
CA GLN A 486 -1.71 -13.82 35.16
C GLN A 486 -0.35 -14.29 35.68
N LYS A 487 0.14 -13.77 36.81
CA LYS A 487 1.44 -14.22 37.37
C LYS A 487 1.29 -15.56 38.11
N GLU A 488 0.07 -15.92 38.51
CA GLU A 488 -0.17 -17.10 39.37
C GLU A 488 -0.57 -18.28 38.45
N THR A 489 -1.46 -18.06 37.48
CA THR A 489 -1.98 -19.11 36.56
C THR A 489 -0.83 -19.61 35.66
N ALA A 490 -0.90 -20.87 35.22
CA ALA A 490 0.20 -21.57 34.52
C ALA A 490 0.46 -20.91 33.15
N ARG A 491 -0.59 -20.55 32.43
CA ARG A 491 -0.49 -19.94 31.08
C ARG A 491 -1.17 -18.58 31.14
N SER A 492 -0.49 -17.54 30.65
CA SER A 492 -1.08 -16.17 30.59
C SER A 492 -0.40 -15.30 29.53
N HIS A 493 -1.03 -14.18 29.22
CA HIS A 493 -0.47 -13.10 28.38
C HIS A 493 0.86 -12.62 28.97
N PHE A 494 0.94 -12.32 30.26
CA PHE A 494 2.16 -11.77 30.91
C PHE A 494 3.28 -12.80 30.89
N LYS A 495 2.98 -14.05 31.23
CA LYS A 495 4.00 -15.13 31.15
C LYS A 495 4.55 -15.20 29.71
N ASN A 496 3.69 -15.11 28.70
CA ASN A 496 4.12 -15.13 27.26
C ASN A 496 5.00 -13.92 27.02
N TYR A 497 4.55 -12.75 27.47
CA TYR A 497 5.32 -11.48 27.36
C TYR A 497 6.72 -11.65 27.94
N GLN A 498 6.85 -12.16 29.17
CA GLN A 498 8.15 -12.44 29.84
C GLN A 498 9.03 -13.35 28.95
N ALA A 499 8.45 -14.40 28.41
CA ALA A 499 9.20 -15.39 27.59
C ALA A 499 9.72 -14.70 26.32
N LEU A 500 8.95 -13.76 25.78
CA LEU A 500 9.30 -13.06 24.51
C LEU A 500 10.37 -12.00 24.82
N THR A 501 10.28 -11.22 25.90
CA THR A 501 11.36 -10.23 26.20
C THR A 501 12.64 -10.98 26.60
N LYS A 502 12.53 -12.12 27.27
CA LYS A 502 13.75 -12.93 27.55
C LYS A 502 14.41 -13.37 26.22
N LEU A 503 13.60 -13.86 25.26
CA LEU A 503 14.10 -14.30 23.93
C LEU A 503 14.90 -13.20 23.21
N ARG A 504 14.53 -11.92 23.38
CA ARG A 504 15.23 -10.80 22.70
C ARG A 504 16.69 -10.70 23.12
N LYS A 505 17.13 -11.39 24.17
CA LYS A 505 18.59 -11.45 24.51
C LYS A 505 19.34 -12.33 23.51
N GLN A 506 18.63 -13.17 22.76
CA GLN A 506 19.25 -14.16 21.84
C GLN A 506 19.75 -13.44 20.60
N ALA A 507 21.02 -13.67 20.26
CA ALA A 507 21.71 -13.17 19.05
C ALA A 507 20.80 -13.21 17.81
N THR A 508 19.99 -14.26 17.67
CA THR A 508 19.11 -14.42 16.49
C THR A 508 18.11 -13.25 16.40
N LEU A 509 17.60 -12.75 17.52
CA LEU A 509 16.61 -11.65 17.50
C LEU A 509 17.34 -10.30 17.42
N SER A 510 18.49 -10.13 18.06
CA SER A 510 19.23 -8.85 18.00
C SER A 510 19.88 -8.65 16.63
N HIS A 511 20.38 -9.72 16.00
CA HIS A 511 21.28 -9.64 14.82
C HIS A 511 20.77 -10.47 13.65
N GLY A 512 19.76 -11.30 13.81
CA GLY A 512 19.30 -12.24 12.77
C GLY A 512 18.68 -11.54 11.59
N GLU A 513 18.71 -12.18 10.44
CA GLU A 513 17.87 -11.73 9.31
C GLU A 513 16.40 -12.02 9.65
N TYR A 514 15.51 -11.55 8.77
CA TYR A 514 14.08 -11.87 8.86
C TYR A 514 13.64 -12.37 7.51
N ASP A 515 12.57 -13.12 7.51
CA ASP A 515 11.87 -13.57 6.28
C ASP A 515 10.41 -13.65 6.71
N ILE A 516 9.51 -13.01 5.95
CA ILE A 516 8.07 -13.00 6.26
C ILE A 516 7.26 -13.22 4.99
N ARG A 517 6.35 -14.18 5.06
CA ARG A 517 5.39 -14.46 3.97
C ARG A 517 4.13 -15.09 4.56
N ALA A 518 3.04 -14.96 3.81
CA ALA A 518 1.74 -15.55 4.13
C ALA A 518 1.73 -16.96 3.52
N LEU A 519 1.27 -17.95 4.28
CA LEU A 519 1.11 -19.33 3.78
C LEU A 519 -0.29 -19.51 3.21
N SER A 520 -1.22 -18.65 3.60
CA SER A 520 -2.65 -18.72 3.27
C SER A 520 -3.22 -17.33 3.53
N ASP A 521 -4.51 -17.14 3.33
CA ASP A 521 -5.19 -15.87 3.69
C ASP A 521 -5.25 -15.84 5.22
N ARG A 522 -5.01 -16.96 5.93
CA ARG A 522 -5.23 -17.02 7.41
C ARG A 522 -3.92 -16.93 8.19
N THR A 523 -2.85 -17.55 7.67
CA THR A 523 -1.63 -17.82 8.45
C THR A 523 -0.44 -17.22 7.72
N PHE A 524 0.47 -16.63 8.48
CA PHE A 524 1.79 -16.16 7.99
C PHE A 524 2.87 -16.72 8.91
N TYR A 525 4.09 -16.64 8.40
CA TYR A 525 5.31 -16.93 9.15
C TYR A 525 6.19 -15.71 9.20
N LEU A 526 6.97 -15.67 10.27
CA LEU A 526 8.12 -14.79 10.40
C LEU A 526 9.24 -15.65 10.96
N VAL A 527 10.34 -15.71 10.22
CA VAL A 527 11.53 -16.52 10.53
C VAL A 527 12.64 -15.53 10.83
N ARG A 528 13.23 -15.63 12.03
CA ARG A 528 14.49 -14.95 12.36
C ARG A 528 15.57 -16.01 12.32
N SER A 529 16.61 -15.77 11.54
CA SER A 529 17.70 -16.74 11.32
C SER A 529 19.04 -16.01 11.36
N LEU A 530 20.07 -16.73 11.78
CA LEU A 530 21.46 -16.22 11.89
C LEU A 530 22.36 -17.45 11.93
N PRO A 531 23.20 -17.66 10.89
CA PRO A 531 24.09 -18.83 10.84
C PRO A 531 24.79 -19.08 12.19
N THR A 532 24.76 -20.35 12.64
CA THR A 532 25.38 -20.92 13.86
C THR A 532 24.54 -20.61 15.11
N HIS A 533 23.45 -19.83 14.99
CA HIS A 533 22.54 -19.56 16.14
C HIS A 533 21.19 -20.18 15.84
N ASP A 534 20.38 -20.40 16.89
CA ASP A 534 19.06 -21.04 16.76
C ASP A 534 18.19 -20.23 15.81
N THR A 535 17.27 -20.93 15.17
CA THR A 535 16.25 -20.33 14.30
C THR A 535 14.95 -20.19 15.10
N TYR A 536 14.32 -19.02 15.04
CA TYR A 536 13.02 -18.75 15.68
C TYR A 536 12.00 -18.48 14.58
N VAL A 537 10.84 -19.09 14.72
CA VAL A 537 9.73 -19.02 13.75
C VAL A 537 8.42 -18.69 14.46
N LEU A 538 7.79 -17.57 14.08
CA LEU A 538 6.39 -17.28 14.41
C LEU A 538 5.51 -17.91 13.35
N LEU A 539 4.48 -18.65 13.78
CA LEU A 539 3.36 -19.05 12.93
C LEU A 539 2.09 -18.50 13.57
N PHE A 540 1.36 -17.68 12.83
CA PHE A 540 0.20 -16.93 13.36
C PHE A 540 -0.99 -17.07 12.42
N ASN A 541 -2.05 -17.69 12.92
CA ASN A 541 -3.37 -17.72 12.30
C ASN A 541 -4.15 -16.51 12.80
N VAL A 542 -4.21 -15.45 12.01
CA VAL A 542 -4.89 -14.16 12.37
C VAL A 542 -6.40 -14.26 12.09
N SER A 543 -6.87 -15.34 11.51
CA SER A 543 -8.28 -15.48 11.09
C SER A 543 -9.12 -15.99 12.26
N GLU A 544 -10.43 -16.10 11.98
CA GLU A 544 -11.44 -16.65 12.92
C GLU A 544 -11.72 -18.13 12.63
N ARG A 545 -10.91 -18.78 11.78
CA ARG A 545 -11.15 -20.16 11.29
C ARG A 545 -9.87 -20.96 11.43
N ARG A 546 -9.99 -22.28 11.63
CA ARG A 546 -8.82 -23.19 11.68
C ARG A 546 -8.14 -23.13 10.30
N ASP A 547 -6.81 -23.22 10.30
CA ASP A 547 -5.99 -23.31 9.07
C ASP A 547 -4.99 -24.44 9.22
N THR A 548 -4.75 -25.19 8.13
CA THR A 548 -3.69 -26.21 8.06
C THR A 548 -2.62 -25.74 7.06
N VAL A 549 -1.38 -25.76 7.47
CA VAL A 549 -0.25 -25.26 6.66
C VAL A 549 0.81 -26.34 6.58
N ASP A 550 1.59 -26.26 5.52
CA ASP A 550 2.73 -27.16 5.24
C ASP A 550 4.00 -26.45 5.69
N LEU A 551 4.57 -26.88 6.84
CA LEU A 551 5.80 -26.27 7.44
C LEU A 551 7.02 -26.45 6.53
N GLY A 552 6.91 -27.31 5.53
CA GLY A 552 7.96 -27.47 4.51
C GLY A 552 8.17 -26.20 3.71
N ARG A 553 7.14 -25.34 3.65
CA ARG A 553 7.22 -24.06 2.90
C ARG A 553 8.02 -23.03 3.68
N VAL A 554 8.28 -23.26 4.96
CA VAL A 554 8.87 -22.26 5.87
C VAL A 554 10.37 -22.39 5.76
N PRO A 555 11.05 -21.32 5.33
CA PRO A 555 12.49 -21.34 5.15
C PRO A 555 13.17 -21.52 6.49
N HIS A 556 14.35 -22.13 6.47
CA HIS A 556 15.24 -22.29 7.64
C HIS A 556 14.59 -23.09 8.77
N LEU A 557 13.44 -23.74 8.56
CA LEU A 557 12.76 -24.54 9.61
C LEU A 557 13.02 -26.04 9.35
N THR A 558 13.85 -26.67 10.17
CA THR A 558 14.04 -28.16 10.16
C THR A 558 13.28 -28.73 11.37
N LEU A 559 12.47 -29.77 11.15
CA LEU A 559 11.69 -30.48 12.20
C LEU A 559 12.47 -31.73 12.62
N PRO A 560 12.43 -32.15 13.91
CA PRO A 560 11.59 -31.52 14.91
C PRO A 560 12.04 -30.14 15.43
N ALA A 561 11.06 -29.33 15.80
CA ALA A 561 11.30 -28.02 16.43
C ALA A 561 10.50 -27.97 17.74
N THR A 562 10.91 -27.09 18.65
CA THR A 562 10.29 -27.01 20.00
C THR A 562 9.41 -25.75 20.09
N VAL A 563 8.16 -25.89 20.54
CA VAL A 563 7.33 -24.72 20.93
C VAL A 563 8.03 -23.98 22.07
N TYR A 564 8.37 -22.70 21.88
CA TYR A 564 9.04 -21.86 22.88
C TYR A 564 7.94 -21.02 23.58
N VAL A 565 6.95 -20.56 22.81
CA VAL A 565 5.75 -19.83 23.32
C VAL A 565 4.55 -20.22 22.49
N SER A 566 3.39 -20.33 23.13
CA SER A 566 2.10 -20.58 22.47
C SER A 566 1.05 -19.64 23.06
N SER A 567 0.12 -19.21 22.22
CA SER A 567 -1.16 -18.57 22.56
C SER A 567 -1.76 -19.36 23.73
N ILE A 568 -2.30 -18.65 24.72
CA ILE A 568 -2.90 -19.28 25.95
C ILE A 568 -3.99 -20.29 25.57
N HIS A 569 -4.65 -20.14 24.43
CA HIS A 569 -5.72 -21.06 23.95
C HIS A 569 -5.17 -22.23 23.12
N SER A 570 -3.89 -22.25 22.80
CA SER A 570 -3.21 -23.29 21.97
C SER A 570 -3.29 -24.61 22.72
N ALA A 571 -3.63 -25.72 22.05
CA ALA A 571 -3.43 -27.10 22.55
C ALA A 571 -1.93 -27.39 22.76
N ARG A 572 -1.00 -26.61 22.20
CA ARG A 572 0.44 -26.92 22.36
C ARG A 572 0.93 -26.10 23.55
N LEU A 573 1.78 -26.69 24.40
CA LEU A 573 2.41 -26.04 25.57
C LEU A 573 3.87 -25.78 25.22
N ALA A 574 4.53 -24.84 25.89
CA ALA A 574 5.99 -24.65 25.74
C ALA A 574 6.60 -26.03 25.98
N GLY A 575 7.61 -26.41 25.21
CA GLY A 575 8.31 -27.70 25.36
C GLY A 575 7.77 -28.76 24.41
N HIS A 576 6.57 -28.57 23.85
CA HIS A 576 5.96 -29.43 22.82
C HIS A 576 6.88 -29.51 21.58
N GLU A 577 6.99 -30.71 21.05
CA GLU A 577 7.81 -31.08 19.87
C GLU A 577 6.90 -31.07 18.66
N ILE A 578 7.22 -30.24 17.68
CA ILE A 578 6.58 -30.25 16.34
C ILE A 578 7.38 -31.23 15.49
N THR A 579 6.76 -32.32 15.01
CA THR A 579 7.49 -33.37 14.24
C THR A 579 6.92 -33.48 12.82
N SER A 580 5.59 -33.40 12.69
CA SER A 580 4.80 -33.40 11.45
C SER A 580 5.01 -32.06 10.73
N SER A 581 5.24 -32.12 9.42
CA SER A 581 5.26 -30.93 8.55
C SER A 581 3.82 -30.40 8.35
N GLN A 582 2.75 -31.15 8.59
CA GLN A 582 1.36 -30.61 8.52
C GLN A 582 0.97 -30.02 9.89
N LEU A 583 0.59 -28.72 9.93
CA LEU A 583 0.26 -28.01 11.20
C LEU A 583 -1.13 -27.37 11.10
N SER A 584 -2.07 -27.82 11.92
CA SER A 584 -3.37 -27.14 12.09
C SER A 584 -3.24 -26.10 13.21
N LEU A 585 -3.55 -24.85 12.90
CA LEU A 585 -3.63 -23.71 13.87
C LEU A 585 -5.11 -23.31 14.01
N GLU A 586 -5.58 -23.18 15.26
CA GLU A 586 -6.93 -22.71 15.60
C GLU A 586 -6.94 -21.20 15.35
N ALA A 587 -8.12 -20.63 15.17
CA ALA A 587 -8.36 -19.17 15.08
C ALA A 587 -7.51 -18.44 16.13
N GLY A 588 -6.64 -17.51 15.71
CA GLY A 588 -5.87 -16.65 16.63
C GLY A 588 -4.64 -17.33 17.16
N GLU A 589 -4.51 -18.62 16.94
CA GLU A 589 -3.36 -19.38 17.48
C GLU A 589 -2.02 -18.90 16.89
N ALA A 590 -1.10 -18.62 17.78
CA ALA A 590 0.30 -18.30 17.46
C ALA A 590 1.22 -19.25 18.21
N LEU A 591 2.31 -19.66 17.53
CA LEU A 591 3.43 -20.45 18.12
C LEU A 591 4.72 -19.75 17.77
N VAL A 592 5.62 -19.65 18.73
CA VAL A 592 7.05 -19.44 18.41
C VAL A 592 7.72 -20.82 18.51
N LEU A 593 8.42 -21.21 17.45
CA LEU A 593 9.18 -22.49 17.35
C LEU A 593 10.64 -22.15 17.46
N LYS A 594 11.39 -23.00 18.17
CA LYS A 594 12.86 -22.92 18.29
C LYS A 594 13.43 -24.09 17.47
N ALA A 595 14.18 -23.80 16.41
CA ALA A 595 14.65 -24.80 15.42
C ALA A 595 16.17 -24.72 15.38
N GLN A 596 16.80 -25.82 14.95
CA GLN A 596 18.27 -25.87 14.92
C GLN A 596 18.80 -24.70 14.11
N PRO A 597 20.05 -24.27 14.43
CA PRO A 597 20.79 -23.30 13.62
C PRO A 597 20.88 -23.67 12.12
N ILE A 598 20.89 -22.65 11.26
CA ILE A 598 21.30 -22.74 9.82
C ILE A 598 22.79 -22.46 9.74
N PRO B 30 25.99 -32.17 -9.74
CA PRO B 30 24.92 -32.30 -10.76
C PRO B 30 23.65 -31.50 -10.44
N PRO B 31 23.17 -30.66 -11.37
CA PRO B 31 21.99 -29.84 -11.09
C PRO B 31 20.71 -30.70 -11.00
N THR B 32 19.87 -30.39 -10.02
CA THR B 32 18.54 -31.03 -9.82
C THR B 32 17.74 -30.96 -11.13
N GLU B 33 16.82 -31.91 -11.32
CA GLU B 33 15.86 -31.95 -12.44
C GLU B 33 14.63 -31.15 -12.00
N VAL B 34 13.96 -30.51 -12.95
CA VAL B 34 12.72 -29.73 -12.68
C VAL B 34 11.61 -30.37 -13.50
N ILE B 35 10.41 -30.39 -12.94
CA ILE B 35 9.18 -30.87 -13.62
C ILE B 35 8.71 -29.76 -14.58
N GLN B 36 8.47 -30.07 -15.84
CA GLN B 36 8.13 -29.02 -16.83
C GLN B 36 6.76 -28.42 -16.49
N LEU B 37 6.66 -27.10 -16.59
CA LEU B 37 5.42 -26.34 -16.31
C LEU B 37 4.54 -26.37 -17.56
N ASP B 38 3.23 -26.47 -17.36
CA ASP B 38 2.25 -26.10 -18.40
C ASP B 38 2.63 -24.72 -19.00
N TRP B 39 2.60 -24.63 -20.35
CA TRP B 39 3.07 -23.50 -21.20
C TRP B 39 2.66 -22.14 -20.61
N TRP B 40 1.50 -22.04 -20.01
CA TRP B 40 0.86 -20.73 -19.67
C TRP B 40 1.41 -20.23 -18.34
N LYS B 41 2.12 -21.05 -17.61
CA LYS B 41 2.58 -20.70 -16.24
C LYS B 41 3.86 -19.86 -16.24
N ASN B 42 4.58 -19.86 -17.34
CA ASN B 42 5.85 -19.10 -17.49
C ASN B 42 5.99 -18.66 -18.96
N CYS B 43 4.90 -18.44 -19.67
CA CYS B 43 5.02 -17.93 -21.06
C CYS B 43 5.45 -16.45 -21.06
N VAL B 44 6.15 -16.01 -22.09
CA VAL B 44 6.19 -14.59 -22.52
C VAL B 44 4.97 -14.38 -23.39
N LEU B 45 4.05 -13.53 -22.95
CA LEU B 45 2.82 -13.21 -23.68
C LEU B 45 2.98 -11.81 -24.29
N TYR B 46 2.89 -11.73 -25.61
CA TYR B 46 2.96 -10.47 -26.40
C TYR B 46 1.58 -10.04 -26.83
N GLN B 47 1.20 -8.81 -26.50
CA GLN B 47 -0.08 -8.18 -26.92
C GLN B 47 0.15 -7.46 -28.23
N ILE B 48 -0.43 -8.02 -29.30
CA ILE B 48 -0.48 -7.39 -30.63
C ILE B 48 -1.68 -6.45 -30.61
N TYR B 49 -1.49 -5.24 -31.12
CA TYR B 49 -2.59 -4.32 -31.51
C TYR B 49 -2.68 -4.39 -33.04
N PRO B 50 -3.55 -5.26 -33.61
CA PRO B 50 -3.41 -5.62 -35.04
C PRO B 50 -3.46 -4.40 -35.99
N ARG B 51 -4.17 -3.35 -35.60
CA ARG B 51 -4.39 -2.16 -36.46
C ARG B 51 -3.04 -1.47 -36.65
N SER B 52 -2.09 -1.65 -35.72
CA SER B 52 -0.80 -0.92 -35.74
C SER B 52 0.42 -1.83 -35.88
N PHE B 53 0.26 -3.13 -36.09
CA PHE B 53 1.41 -4.06 -36.13
C PHE B 53 2.03 -4.05 -37.54
N LYS B 54 1.30 -4.50 -38.54
CA LYS B 54 1.82 -4.61 -39.92
C LYS B 54 0.68 -4.52 -40.94
N ASP B 55 0.81 -3.56 -41.85
CA ASP B 55 -0.11 -3.38 -42.99
C ASP B 55 0.52 -4.11 -44.19
N SER B 56 -0.16 -5.15 -44.70
CA SER B 56 0.32 -5.96 -45.84
C SER B 56 -0.21 -5.39 -47.15
N ASP B 57 -1.19 -4.49 -47.11
CA ASP B 57 -2.04 -4.21 -48.30
C ASP B 57 -2.08 -2.71 -48.60
N GLY B 58 -1.26 -1.89 -47.95
CA GLY B 58 -1.07 -0.49 -48.41
C GLY B 58 -2.20 0.45 -48.05
N ASP B 59 -3.18 0.05 -47.22
CA ASP B 59 -4.27 0.96 -46.77
C ASP B 59 -3.88 1.72 -45.49
N GLY B 60 -2.64 1.60 -44.99
CA GLY B 60 -2.22 2.21 -43.71
C GLY B 60 -2.94 1.62 -42.51
N ILE B 61 -3.52 0.42 -42.65
CA ILE B 61 -4.26 -0.26 -41.56
C ILE B 61 -3.62 -1.64 -41.35
N GLY B 62 -3.14 -1.94 -40.15
CA GLY B 62 -2.57 -3.26 -39.85
C GLY B 62 -3.57 -4.35 -40.13
N ASP B 63 -3.11 -5.56 -40.47
CA ASP B 63 -4.07 -6.59 -40.90
C ASP B 63 -3.46 -7.93 -40.59
N LEU B 64 -4.27 -8.96 -40.76
CA LEU B 64 -3.88 -10.37 -40.41
C LEU B 64 -2.76 -10.87 -41.31
N LYS B 65 -2.82 -10.64 -42.63
CA LYS B 65 -1.71 -11.06 -43.51
C LYS B 65 -0.42 -10.39 -43.05
N GLY B 66 -0.48 -9.15 -42.59
CA GLY B 66 0.71 -8.48 -42.02
C GLY B 66 1.23 -9.25 -40.81
N ILE B 67 0.34 -9.62 -39.87
CA ILE B 67 0.78 -10.42 -38.68
C ILE B 67 1.42 -11.72 -39.18
N ILE B 68 0.75 -12.42 -40.09
CA ILE B 68 1.25 -13.73 -40.60
C ILE B 68 2.68 -13.52 -41.12
N SER B 69 2.90 -12.43 -41.84
CA SER B 69 4.19 -12.17 -42.53
C SER B 69 5.28 -11.99 -41.47
N GLU B 70 4.89 -11.71 -40.22
CA GLU B 70 5.90 -11.37 -39.20
C GLU B 70 5.78 -12.27 -37.96
N LEU B 71 5.09 -13.43 -38.05
CA LEU B 71 5.05 -14.45 -36.95
C LEU B 71 6.47 -14.86 -36.55
N LYS B 72 7.40 -14.93 -37.50
CA LYS B 72 8.83 -15.18 -37.25
C LYS B 72 9.42 -14.19 -36.22
N HIS B 73 8.90 -12.96 -36.15
CA HIS B 73 9.37 -11.96 -35.15
C HIS B 73 9.23 -12.51 -33.71
N PHE B 74 8.09 -13.13 -33.38
CA PHE B 74 7.82 -13.62 -32.01
C PHE B 74 8.85 -14.70 -31.68
N VAL B 75 9.21 -15.50 -32.68
CA VAL B 75 10.14 -16.66 -32.44
C VAL B 75 11.52 -16.04 -32.17
N ASP B 76 11.86 -15.08 -32.98
CA ASP B 76 13.16 -14.36 -32.92
C ASP B 76 13.25 -13.63 -31.57
N ALA B 77 12.15 -13.03 -31.14
CA ALA B 77 12.03 -12.33 -29.85
C ALA B 77 12.08 -13.26 -28.64
N GLY B 78 11.70 -14.56 -28.77
CA GLY B 78 11.51 -15.50 -27.65
C GLY B 78 10.15 -15.35 -26.98
N VAL B 79 9.16 -14.84 -27.73
CA VAL B 79 7.74 -14.82 -27.30
C VAL B 79 7.14 -16.21 -27.46
N ASP B 80 6.33 -16.64 -26.49
CA ASP B 80 5.67 -17.97 -26.43
C ASP B 80 4.24 -17.86 -26.92
N ALA B 81 3.58 -16.71 -26.68
CA ALA B 81 2.14 -16.62 -26.89
C ALA B 81 1.86 -15.19 -27.36
N ILE B 82 0.93 -15.06 -28.26
CA ILE B 82 0.44 -13.74 -28.75
C ILE B 82 -1.03 -13.65 -28.43
N TRP B 83 -1.45 -12.46 -28.03
CA TRP B 83 -2.84 -12.12 -27.73
C TRP B 83 -3.09 -10.93 -28.65
N MET B 84 -4.08 -11.03 -29.53
CA MET B 84 -4.48 -9.89 -30.38
C MET B 84 -5.61 -9.13 -29.72
N SER B 85 -5.53 -7.82 -29.75
CA SER B 85 -6.71 -6.99 -29.52
C SER B 85 -7.81 -7.38 -30.53
N PRO B 86 -9.05 -6.91 -30.38
CA PRO B 86 -10.17 -7.51 -31.11
C PRO B 86 -10.04 -7.43 -32.64
N ILE B 87 -10.42 -8.50 -33.29
CA ILE B 87 -10.33 -8.62 -34.77
C ILE B 87 -11.69 -9.07 -35.29
N PHE B 88 -12.73 -9.02 -34.46
CA PHE B 88 -14.07 -9.45 -34.88
C PHE B 88 -14.80 -8.32 -35.59
N GLU B 89 -15.86 -8.66 -36.36
CA GLU B 89 -16.65 -7.62 -37.07
C GLU B 89 -17.04 -6.53 -36.08
N SER B 90 -16.89 -5.26 -36.46
CA SER B 90 -17.00 -4.10 -35.55
C SER B 90 -17.23 -2.85 -36.37
N PRO B 91 -18.18 -1.98 -36.03
CA PRO B 91 -18.24 -0.65 -36.65
C PRO B 91 -17.01 0.23 -36.32
N MET B 92 -16.08 -0.25 -35.50
CA MET B 92 -14.78 0.41 -35.17
C MET B 92 -14.97 1.70 -34.37
N VAL B 93 -16.12 1.89 -33.72
CA VAL B 93 -16.32 3.10 -32.88
C VAL B 93 -15.26 3.09 -31.77
N ASP B 94 -14.95 1.92 -31.20
CA ASP B 94 -13.95 1.73 -30.12
C ASP B 94 -12.91 0.78 -30.66
N PHE B 95 -12.57 0.97 -31.92
CA PHE B 95 -11.55 0.20 -32.65
C PHE B 95 -11.60 -1.26 -32.22
N GLY B 96 -12.76 -1.93 -32.36
CA GLY B 96 -12.84 -3.39 -32.23
C GLY B 96 -13.56 -3.84 -30.97
N TYR B 97 -13.67 -2.98 -29.97
CA TYR B 97 -14.26 -3.29 -28.64
C TYR B 97 -15.76 -3.10 -28.74
N ASP B 98 -16.24 -2.67 -29.90
CA ASP B 98 -17.69 -2.55 -30.23
C ASP B 98 -17.94 -3.62 -31.28
N ILE B 99 -18.32 -4.85 -30.88
CA ILE B 99 -18.38 -6.01 -31.81
C ILE B 99 -19.83 -6.20 -32.28
N SER B 100 -20.00 -6.23 -33.59
CA SER B 100 -21.30 -6.42 -34.25
C SER B 100 -21.49 -7.87 -34.67
N ASN B 101 -20.43 -8.67 -34.74
CA ASN B 101 -20.57 -10.12 -35.04
C ASN B 101 -19.42 -10.81 -34.34
N PHE B 102 -19.70 -11.49 -33.24
CA PHE B 102 -18.67 -12.22 -32.49
C PHE B 102 -18.15 -13.45 -33.24
N TYR B 103 -18.68 -13.78 -34.43
CA TYR B 103 -18.38 -15.06 -35.11
C TYR B 103 -17.64 -14.84 -36.44
N ASP B 104 -17.21 -13.61 -36.71
CA ASP B 104 -16.51 -13.37 -37.99
C ASP B 104 -15.49 -12.25 -37.83
N ILE B 105 -14.64 -12.11 -38.85
CA ILE B 105 -13.39 -11.28 -38.82
C ILE B 105 -13.74 -9.92 -39.44
N HIS B 106 -13.19 -8.88 -38.87
CA HIS B 106 -13.38 -7.48 -39.32
C HIS B 106 -12.72 -7.36 -40.69
N TYR B 107 -13.46 -6.94 -41.72
CA TYR B 107 -13.00 -6.97 -43.13
C TYR B 107 -11.68 -6.20 -43.30
N GLU B 108 -11.50 -5.10 -42.57
CA GLU B 108 -10.24 -4.30 -42.73
C GLU B 108 -9.04 -5.15 -42.35
N TYR B 109 -9.18 -6.09 -41.41
CA TYR B 109 -8.02 -6.93 -40.99
C TYR B 109 -7.89 -8.19 -41.84
N GLY B 110 -9.01 -8.66 -42.38
CA GLY B 110 -9.00 -9.71 -43.41
C GLY B 110 -10.25 -10.57 -43.30
N THR B 111 -10.06 -11.85 -43.55
CA THR B 111 -11.17 -12.86 -43.62
C THR B 111 -10.98 -13.94 -42.56
N MET B 112 -12.02 -14.72 -42.31
CA MET B 112 -11.91 -15.99 -41.57
C MET B 112 -10.76 -16.84 -42.12
N GLU B 113 -10.60 -16.94 -43.46
CA GLU B 113 -9.52 -17.74 -44.10
C GLU B 113 -8.15 -17.24 -43.59
N ASP B 114 -7.96 -15.91 -43.52
CA ASP B 114 -6.71 -15.27 -43.05
C ASP B 114 -6.49 -15.60 -41.57
N PHE B 115 -7.56 -15.61 -40.79
CA PHE B 115 -7.48 -15.98 -39.36
C PHE B 115 -7.01 -17.44 -39.22
N GLU B 116 -7.60 -18.39 -39.94
CA GLU B 116 -7.21 -19.84 -39.87
C GLU B 116 -5.74 -20.03 -40.32
N GLU B 117 -5.30 -19.28 -41.33
CA GLU B 117 -3.91 -19.32 -41.83
C GLU B 117 -2.99 -18.88 -40.68
N LEU B 118 -3.30 -17.75 -40.06
CA LEU B 118 -2.56 -17.22 -38.88
C LEU B 118 -2.45 -18.30 -37.80
N LEU B 119 -3.57 -18.93 -37.40
CA LEU B 119 -3.48 -20.01 -36.38
C LEU B 119 -2.59 -21.14 -36.89
N ASP B 120 -2.75 -21.59 -38.14
CA ASP B 120 -1.93 -22.72 -38.66
C ASP B 120 -0.44 -22.35 -38.57
N LYS B 121 -0.07 -21.20 -39.10
CA LYS B 121 1.36 -20.82 -39.24
C LYS B 121 1.95 -20.50 -37.85
N ALA B 122 1.18 -19.85 -36.96
CA ALA B 122 1.60 -19.63 -35.56
C ALA B 122 1.86 -20.98 -34.86
N HIS B 123 0.93 -21.93 -34.94
CA HIS B 123 1.02 -23.27 -34.30
C HIS B 123 2.24 -24.02 -34.86
N GLU B 124 2.46 -23.92 -36.18
CA GLU B 124 3.58 -24.61 -36.86
C GLU B 124 4.90 -24.04 -36.28
N LEU B 125 4.96 -22.75 -36.00
CA LEU B 125 6.12 -22.10 -35.32
C LEU B 125 6.16 -22.34 -33.79
N GLY B 126 5.18 -23.04 -33.19
CA GLY B 126 5.17 -23.31 -31.74
C GLY B 126 4.53 -22.24 -30.88
N LEU B 127 3.95 -21.19 -31.47
CA LEU B 127 3.29 -20.04 -30.77
C LEU B 127 1.86 -20.39 -30.35
N LYS B 128 1.42 -19.90 -29.20
CA LYS B 128 0.00 -20.00 -28.81
C LYS B 128 -0.62 -18.69 -29.28
N VAL B 129 -1.90 -18.69 -29.57
CA VAL B 129 -2.63 -17.50 -30.06
C VAL B 129 -3.87 -17.35 -29.19
N LEU B 130 -4.00 -16.22 -28.49
CA LEU B 130 -5.20 -15.92 -27.70
C LEU B 130 -5.98 -14.82 -28.40
N LEU B 131 -7.31 -14.94 -28.38
CA LEU B 131 -8.18 -13.80 -28.87
C LEU B 131 -8.73 -12.95 -27.74
N ASP B 132 -9.04 -11.69 -28.07
CA ASP B 132 -9.70 -10.72 -27.18
C ASP B 132 -11.21 -10.95 -27.23
N PHE B 133 -11.76 -11.40 -26.10
CA PHE B 133 -13.20 -11.75 -25.91
C PHE B 133 -13.77 -10.60 -25.10
N VAL B 134 -14.81 -9.96 -25.62
CA VAL B 134 -15.38 -8.72 -25.09
C VAL B 134 -16.78 -9.06 -24.57
N PRO B 135 -16.92 -9.77 -23.41
CA PRO B 135 -18.23 -10.24 -23.00
C PRO B 135 -19.17 -9.20 -22.41
N ASN B 136 -18.71 -8.04 -21.95
CA ASN B 136 -19.59 -7.12 -21.21
C ASN B 136 -20.65 -6.53 -22.16
N HIS B 137 -20.30 -6.29 -23.42
CA HIS B 137 -21.15 -5.47 -24.33
C HIS B 137 -20.97 -5.90 -25.78
N ALA B 138 -21.98 -5.57 -26.59
CA ALA B 138 -22.02 -5.71 -28.05
C ALA B 138 -22.26 -4.35 -28.69
N SER B 139 -21.80 -4.18 -29.94
CA SER B 139 -22.15 -3.04 -30.80
C SER B 139 -23.67 -2.92 -30.84
N ASN B 140 -24.19 -1.68 -30.93
CA ASN B 140 -25.62 -1.47 -31.22
C ASN B 140 -25.94 -1.85 -32.66
N GLU B 141 -24.93 -2.16 -33.48
CA GLU B 141 -25.17 -2.68 -34.85
C GLU B 141 -25.15 -4.20 -34.84
N SER B 142 -24.97 -4.86 -33.69
CA SER B 142 -25.05 -6.36 -33.63
C SER B 142 -26.49 -6.82 -33.95
N GLU B 143 -26.67 -8.06 -34.41
CA GLU B 143 -28.03 -8.65 -34.58
C GLU B 143 -28.67 -8.78 -33.20
N TYR B 144 -27.89 -9.06 -32.16
CA TYR B 144 -28.42 -9.17 -30.78
C TYR B 144 -29.21 -7.89 -30.41
N PHE B 145 -28.60 -6.74 -30.61
CA PHE B 145 -29.18 -5.45 -30.21
C PHE B 145 -30.36 -5.09 -31.10
N ILE B 146 -30.19 -5.22 -32.42
CA ILE B 146 -31.25 -4.84 -33.39
C ILE B 146 -32.49 -5.64 -33.01
N LYS B 147 -32.33 -6.94 -32.71
CA LYS B 147 -33.46 -7.84 -32.39
C LYS B 147 -34.03 -7.49 -31.02
N SER B 148 -33.14 -7.19 -30.05
CA SER B 148 -33.56 -6.86 -28.69
C SER B 148 -34.36 -5.54 -28.70
N GLU B 149 -33.87 -4.54 -29.42
CA GLU B 149 -34.54 -3.21 -29.52
C GLU B 149 -35.97 -3.42 -30.06
N ALA B 150 -36.12 -4.30 -31.06
CA ALA B 150 -37.40 -4.74 -31.70
C ALA B 150 -38.21 -5.69 -30.81
N ARG B 151 -37.74 -6.00 -29.61
CA ARG B 151 -38.36 -6.99 -28.68
C ARG B 151 -38.59 -8.33 -29.37
N GLU B 152 -37.74 -8.77 -30.30
CA GLU B 152 -37.87 -10.14 -30.85
C GLU B 152 -37.87 -11.11 -29.67
N PRO B 153 -38.80 -12.09 -29.69
CA PRO B 153 -38.69 -13.21 -28.76
C PRO B 153 -37.26 -13.74 -28.71
N GLY B 154 -36.77 -13.95 -27.47
CA GLY B 154 -35.48 -14.57 -27.14
C GLY B 154 -34.37 -13.54 -27.05
N TYR B 155 -34.62 -12.31 -27.52
CA TYR B 155 -33.65 -11.20 -27.50
C TYR B 155 -34.19 -10.01 -26.70
N GLU B 156 -35.48 -10.00 -26.38
CA GLU B 156 -36.08 -8.88 -25.61
C GLU B 156 -35.18 -8.52 -24.41
N ASN B 157 -34.70 -9.52 -23.65
CA ASN B 157 -34.05 -9.31 -22.33
C ASN B 157 -32.56 -9.64 -22.45
N PHE B 158 -32.00 -9.47 -23.65
CA PHE B 158 -30.58 -9.79 -23.91
C PHE B 158 -29.70 -8.68 -23.34
N PHE B 159 -30.23 -7.44 -23.28
CA PHE B 159 -29.49 -6.28 -22.75
C PHE B 159 -30.27 -5.73 -21.56
N ILE B 160 -29.69 -4.71 -20.95
CA ILE B 160 -30.26 -4.08 -19.74
C ILE B 160 -31.14 -2.91 -20.18
N TRP B 161 -32.45 -3.13 -20.08
CA TRP B 161 -33.51 -2.20 -20.55
C TRP B 161 -34.27 -1.67 -19.34
N ALA B 162 -34.55 -0.36 -19.32
CA ALA B 162 -35.17 0.27 -18.15
C ALA B 162 -36.08 1.41 -18.58
N ASP B 163 -37.23 1.47 -17.90
CA ASP B 163 -38.20 2.59 -17.98
C ASP B 163 -37.57 3.80 -17.33
N PRO B 164 -38.00 5.02 -17.68
CA PRO B 164 -37.54 6.21 -16.97
C PRO B 164 -37.96 6.15 -15.48
N LEU B 165 -37.28 6.95 -14.68
CA LEU B 165 -37.56 7.08 -13.23
C LEU B 165 -38.85 7.86 -13.12
N PRO B 166 -39.91 7.33 -12.45
CA PRO B 166 -41.13 8.13 -12.22
C PRO B 166 -40.76 9.54 -11.77
N ASN B 167 -41.26 10.57 -12.48
CA ASN B 167 -41.09 12.02 -12.15
C ASN B 167 -42.46 12.58 -11.78
N PRO B 168 -42.83 12.68 -10.48
CA PRO B 168 -44.17 13.14 -10.09
C PRO B 168 -44.27 14.68 -10.27
N GLU B 169 -43.14 15.37 -10.08
CA GLU B 169 -43.01 16.85 -10.06
C GLU B 169 -43.09 17.39 -11.50
N ASN B 170 -42.28 16.85 -12.41
CA ASN B 170 -42.32 17.19 -13.86
C ASN B 170 -42.57 15.93 -14.66
N PRO B 171 -43.77 15.30 -14.60
CA PRO B 171 -44.11 14.22 -15.54
C PRO B 171 -43.71 14.55 -16.99
N GLY B 172 -43.59 15.84 -17.32
CA GLY B 172 -43.16 16.36 -18.64
C GLY B 172 -41.72 16.00 -19.00
N VAL B 173 -40.77 16.05 -18.07
CA VAL B 173 -39.32 15.78 -18.34
C VAL B 173 -38.97 14.34 -17.89
N ARG B 174 -38.57 13.50 -18.84
CA ARG B 174 -38.11 12.11 -18.65
C ARG B 174 -36.84 12.10 -17.78
N LEU B 175 -36.74 11.15 -16.85
CA LEU B 175 -35.54 10.96 -15.97
C LEU B 175 -34.88 9.61 -16.27
N PRO B 176 -33.53 9.57 -16.36
CA PRO B 176 -32.82 8.31 -16.57
C PRO B 176 -33.10 7.42 -15.36
N PRO B 177 -32.95 6.07 -15.48
CA PRO B 177 -33.29 5.13 -14.41
C PRO B 177 -32.53 5.34 -13.09
N SER B 178 -31.40 6.05 -13.17
CA SER B 178 -30.40 6.26 -12.09
C SER B 178 -29.31 7.16 -12.66
N ASN B 179 -28.38 7.60 -11.80
CA ASN B 179 -27.35 8.62 -12.13
C ASN B 179 -26.08 7.98 -12.70
N TRP B 180 -26.13 6.72 -13.09
CA TRP B 180 -24.89 5.96 -13.42
C TRP B 180 -24.19 6.63 -14.59
N VAL B 181 -22.87 6.72 -14.50
CA VAL B 181 -21.99 7.44 -15.44
C VAL B 181 -21.21 6.42 -16.27
N SER B 182 -21.09 6.69 -17.57
CA SER B 182 -20.30 5.88 -18.54
C SER B 182 -18.81 6.18 -18.32
N GLN B 183 -17.96 5.16 -18.45
CA GLN B 183 -16.48 5.26 -18.52
C GLN B 183 -15.99 6.25 -19.61
N PHE B 184 -16.75 6.46 -20.69
CA PHE B 184 -16.33 7.29 -21.85
C PHE B 184 -17.07 8.63 -21.81
N GLY B 185 -17.67 8.96 -20.67
CA GLY B 185 -18.27 10.28 -20.45
C GLY B 185 -19.78 10.19 -20.42
N GLY B 186 -20.45 10.91 -19.51
CA GLY B 186 -21.90 11.18 -19.59
C GLY B 186 -22.70 10.02 -19.02
N SER B 187 -24.04 10.04 -19.18
CA SER B 187 -24.94 9.00 -18.63
C SER B 187 -24.58 7.61 -19.18
N ALA B 188 -24.66 6.59 -18.34
CA ALA B 188 -24.56 5.17 -18.75
C ALA B 188 -25.93 4.71 -19.29
N TRP B 189 -26.90 5.63 -19.44
CA TRP B 189 -28.25 5.26 -19.91
C TRP B 189 -28.54 5.98 -21.21
N GLU B 190 -28.97 5.24 -22.23
CA GLU B 190 -29.27 5.83 -23.56
C GLU B 190 -30.72 5.53 -23.93
N TRP B 191 -31.46 6.57 -24.28
CA TRP B 191 -32.89 6.44 -24.68
C TRP B 191 -32.95 5.79 -26.06
N SER B 192 -33.79 4.78 -26.18
CA SER B 192 -34.16 4.21 -27.49
C SER B 192 -35.56 4.72 -27.85
N GLU B 193 -35.69 5.48 -28.94
CA GLU B 193 -37.00 5.96 -29.45
C GLU B 193 -37.83 4.73 -29.76
N LYS B 194 -37.23 3.75 -30.43
CA LYS B 194 -37.93 2.56 -30.95
C LYS B 194 -38.55 1.80 -29.78
N ARG B 195 -37.76 1.50 -28.75
CA ARG B 195 -38.27 0.58 -27.70
C ARG B 195 -39.00 1.34 -26.59
N GLN B 196 -38.92 2.67 -26.59
CA GLN B 196 -39.40 3.58 -25.53
C GLN B 196 -38.89 3.08 -24.16
N GLN B 197 -37.61 2.67 -24.10
CA GLN B 197 -36.88 2.38 -22.83
C GLN B 197 -35.44 2.86 -22.97
N TYR B 198 -34.75 3.00 -21.84
CA TYR B 198 -33.28 3.26 -21.76
C TYR B 198 -32.55 1.90 -21.83
N TYR B 199 -31.42 1.86 -22.52
CA TYR B 199 -30.49 0.72 -22.36
C TYR B 199 -29.23 1.18 -21.61
N LEU B 200 -28.59 0.23 -20.92
CA LEU B 200 -27.34 0.48 -20.16
C LEU B 200 -26.14 0.38 -21.10
N HIS B 201 -25.25 1.35 -21.02
CA HIS B 201 -23.92 1.31 -21.67
C HIS B 201 -22.89 1.81 -20.64
N GLN B 202 -22.06 0.92 -20.09
CA GLN B 202 -20.94 1.35 -19.22
C GLN B 202 -19.86 1.99 -20.08
N PHE B 203 -19.76 1.63 -21.34
CA PHE B 203 -18.76 2.24 -22.24
C PHE B 203 -19.51 3.18 -23.20
N ALA B 204 -19.19 3.18 -24.49
CA ALA B 204 -19.70 4.15 -25.47
C ALA B 204 -21.20 3.90 -25.59
N ILE B 205 -21.95 4.90 -26.04
CA ILE B 205 -23.40 4.75 -26.33
C ILE B 205 -23.54 3.50 -27.21
N GLN B 206 -22.60 3.27 -28.12
CA GLN B 206 -22.67 2.21 -29.14
C GLN B 206 -22.30 0.81 -28.55
N GLN B 207 -22.00 0.72 -27.24
CA GLN B 207 -21.50 -0.54 -26.59
C GLN B 207 -22.55 -0.91 -25.56
N VAL B 208 -23.48 -1.76 -25.96
CA VAL B 208 -24.66 -2.10 -25.12
C VAL B 208 -24.31 -3.24 -24.16
N ASP B 209 -24.56 -3.08 -22.87
CA ASP B 209 -24.25 -4.11 -21.84
C ASP B 209 -25.24 -5.29 -21.92
N PHE B 210 -24.73 -6.50 -22.00
CA PHE B 210 -25.56 -7.72 -21.90
C PHE B 210 -26.12 -7.82 -20.49
N ASP B 211 -27.27 -8.48 -20.38
CA ASP B 211 -27.86 -8.89 -19.10
C ASP B 211 -27.25 -10.25 -18.69
N PHE B 212 -26.27 -10.22 -17.78
CA PHE B 212 -25.58 -11.44 -17.35
C PHE B 212 -26.40 -12.21 -16.31
N ARG B 213 -27.64 -11.78 -16.06
CA ARG B 213 -28.58 -12.65 -15.28
C ARG B 213 -29.46 -13.42 -16.25
N ASN B 214 -29.32 -13.19 -17.54
CA ASN B 214 -30.03 -13.96 -18.60
C ASN B 214 -29.29 -15.24 -18.93
N PRO B 215 -29.89 -16.42 -18.66
CA PRO B 215 -29.20 -17.67 -18.99
C PRO B 215 -28.91 -17.73 -20.50
N ALA B 216 -29.68 -17.03 -21.34
CA ALA B 216 -29.51 -17.13 -22.82
C ALA B 216 -28.25 -16.36 -23.20
N VAL B 217 -27.97 -15.30 -22.46
CA VAL B 217 -26.70 -14.53 -22.61
C VAL B 217 -25.55 -15.41 -22.19
N LYS B 218 -25.64 -15.98 -21.00
CA LYS B 218 -24.51 -16.82 -20.48
C LYS B 218 -24.29 -17.96 -21.47
N GLN B 219 -25.35 -18.57 -22.00
CA GLN B 219 -25.14 -19.58 -23.04
C GLN B 219 -24.46 -19.00 -24.30
N GLU B 220 -24.78 -17.79 -24.74
CA GLU B 220 -24.18 -17.24 -25.96
C GLU B 220 -22.66 -17.08 -25.72
N MET B 221 -22.23 -16.72 -24.51
CA MET B 221 -20.80 -16.50 -24.20
C MET B 221 -20.10 -17.86 -24.32
N PHE B 222 -20.74 -18.96 -23.92
CA PHE B 222 -20.11 -20.30 -24.08
C PHE B 222 -20.03 -20.60 -25.58
N ASN B 223 -21.09 -20.26 -26.32
CA ASN B 223 -21.19 -20.54 -27.78
C ASN B 223 -20.05 -19.83 -28.50
N ILE B 224 -19.86 -18.53 -28.17
CA ILE B 224 -18.78 -17.72 -28.79
C ILE B 224 -17.42 -18.37 -28.50
N MET B 225 -17.13 -18.66 -27.24
CA MET B 225 -15.80 -19.19 -26.87
C MET B 225 -15.62 -20.56 -27.54
N LYS B 226 -16.64 -21.42 -27.52
CA LYS B 226 -16.52 -22.76 -28.08
C LYS B 226 -16.20 -22.60 -29.57
N PHE B 227 -16.82 -21.62 -30.24
CA PHE B 227 -16.69 -21.43 -31.70
C PHE B 227 -15.22 -21.21 -32.01
N TRP B 228 -14.57 -20.33 -31.23
CA TRP B 228 -13.17 -19.92 -31.52
C TRP B 228 -12.17 -20.99 -31.03
N LEU B 229 -12.45 -21.60 -29.90
CA LEU B 229 -11.66 -22.79 -29.46
C LEU B 229 -11.69 -23.87 -30.55
N ASP B 230 -12.84 -24.10 -31.15
CA ASP B 230 -12.96 -25.18 -32.18
C ASP B 230 -12.17 -24.76 -33.43
N LYS B 231 -12.13 -23.46 -33.77
CA LYS B 231 -11.25 -22.91 -34.84
C LYS B 231 -9.78 -23.17 -34.46
N GLY B 232 -9.43 -23.26 -33.17
CA GLY B 232 -8.07 -23.60 -32.73
C GLY B 232 -7.41 -22.55 -31.87
N ALA B 233 -8.13 -21.51 -31.43
CA ALA B 233 -7.52 -20.55 -30.48
C ALA B 233 -7.05 -21.28 -29.25
N ASP B 234 -6.00 -20.76 -28.59
CA ASP B 234 -5.41 -21.38 -27.39
C ASP B 234 -6.00 -20.73 -26.12
N GLY B 235 -6.91 -19.79 -26.28
CA GLY B 235 -7.54 -19.18 -25.10
C GLY B 235 -7.98 -17.77 -25.44
N PHE B 236 -8.32 -17.04 -24.39
CA PHE B 236 -8.88 -15.67 -24.47
C PHE B 236 -8.29 -14.76 -23.41
N ARG B 237 -8.23 -13.48 -23.77
CA ARG B 237 -8.07 -12.36 -22.85
C ARG B 237 -9.49 -11.79 -22.74
N LEU B 238 -9.99 -11.68 -21.53
CA LEU B 238 -11.39 -11.34 -21.25
C LEU B 238 -11.46 -9.86 -20.83
N ASP B 239 -12.10 -9.05 -21.63
CA ASP B 239 -12.23 -7.58 -21.47
C ASP B 239 -13.21 -7.16 -20.35
N ALA B 240 -12.84 -6.18 -19.51
CA ALA B 240 -13.75 -5.27 -18.78
C ALA B 240 -14.65 -6.00 -17.76
N LEU B 241 -14.15 -7.09 -17.18
CA LEU B 241 -14.95 -7.96 -16.31
C LEU B 241 -15.50 -7.29 -15.08
N PRO B 242 -14.85 -6.26 -14.46
CA PRO B 242 -15.46 -5.62 -13.30
C PRO B 242 -16.89 -5.10 -13.59
N TYR B 243 -17.27 -4.93 -14.86
CA TYR B 243 -18.50 -4.17 -15.25
C TYR B 243 -19.59 -5.15 -15.66
N LEU B 244 -19.37 -6.46 -15.50
CA LEU B 244 -20.32 -7.45 -16.06
C LEU B 244 -21.71 -7.19 -15.47
N ILE B 245 -21.80 -7.06 -14.17
CA ILE B 245 -23.10 -7.23 -13.46
C ILE B 245 -23.35 -5.97 -12.63
N GLU B 246 -24.60 -5.49 -12.66
CA GLU B 246 -25.01 -4.29 -11.92
C GLU B 246 -26.17 -4.67 -11.01
N ALA B 247 -26.54 -3.75 -10.13
CA ALA B 247 -27.55 -4.02 -9.09
C ALA B 247 -28.83 -4.48 -9.79
N ASP B 248 -29.45 -5.51 -9.26
CA ASP B 248 -30.79 -5.99 -9.68
C ASP B 248 -31.85 -5.07 -9.10
N PRO B 249 -32.68 -4.39 -9.93
CA PRO B 249 -33.67 -3.46 -9.40
C PRO B 249 -34.66 -4.14 -8.43
N ALA B 250 -34.79 -5.46 -8.50
CA ALA B 250 -35.58 -6.29 -7.56
C ALA B 250 -35.13 -6.08 -6.12
N ASP B 251 -33.88 -5.64 -5.93
CA ASP B 251 -33.21 -5.59 -4.62
C ASP B 251 -33.34 -4.19 -4.05
N HIS B 252 -33.90 -3.24 -4.80
CA HIS B 252 -33.99 -1.78 -4.50
C HIS B 252 -35.40 -1.28 -4.84
N GLU B 253 -36.40 -2.12 -4.58
CA GLU B 253 -37.84 -1.79 -4.71
C GLU B 253 -38.17 -1.39 -6.15
N GLY B 254 -37.68 -2.18 -7.12
CA GLY B 254 -38.02 -2.09 -8.55
C GLY B 254 -37.48 -0.85 -9.25
N ARG B 255 -36.42 -0.24 -8.73
CA ARG B 255 -35.65 0.82 -9.43
C ARG B 255 -34.16 0.42 -9.46
N TYR B 256 -33.41 1.00 -10.40
CA TYR B 256 -31.93 0.91 -10.46
C TYR B 256 -31.43 1.92 -9.43
N PRO B 257 -30.72 1.48 -8.37
CA PRO B 257 -30.22 2.39 -7.34
C PRO B 257 -29.13 3.33 -7.85
N ASP B 258 -29.17 4.62 -7.50
CA ASP B 258 -28.07 5.59 -7.75
C ASP B 258 -26.77 5.05 -7.16
N ASP B 259 -25.66 5.26 -7.88
CA ASP B 259 -24.30 5.15 -7.32
C ASP B 259 -24.12 6.31 -6.33
N PRO B 260 -23.41 6.08 -5.20
CA PRO B 260 -22.98 7.17 -4.33
C PRO B 260 -22.20 8.28 -5.05
N LEU B 261 -22.30 9.53 -4.57
CA LEU B 261 -21.54 10.68 -5.12
C LEU B 261 -20.14 10.67 -4.50
N SER B 262 -19.15 11.17 -5.23
CA SER B 262 -17.72 11.26 -4.81
C SER B 262 -17.45 12.55 -3.97
N GLY B 263 -17.89 13.73 -4.41
CA GLY B 263 -17.69 15.01 -3.73
C GLY B 263 -16.67 15.87 -4.47
N LEU B 264 -15.81 15.20 -5.23
CA LEU B 264 -14.77 15.81 -6.11
C LEU B 264 -15.40 16.91 -6.98
N THR B 265 -15.13 18.15 -6.59
CA THR B 265 -15.76 19.40 -7.10
C THR B 265 -15.32 19.63 -8.54
N GLN B 266 -14.29 18.91 -9.02
CA GLN B 266 -13.80 19.03 -10.43
C GLN B 266 -14.71 18.22 -11.40
N PHE B 267 -15.62 17.39 -10.87
CA PHE B 267 -16.48 16.45 -11.65
C PHE B 267 -17.98 16.79 -11.48
N GLU B 268 -18.66 17.14 -12.59
CA GLU B 268 -20.14 17.34 -12.61
C GLU B 268 -20.85 16.02 -12.96
N SER B 269 -22.18 16.00 -12.89
CA SER B 269 -23.02 14.77 -12.83
C SER B 269 -22.92 13.92 -14.12
N HIS B 270 -22.31 14.47 -15.18
CA HIS B 270 -22.06 13.85 -16.52
C HIS B 270 -20.58 13.47 -16.70
N GLN B 271 -19.73 13.66 -15.70
CA GLN B 271 -18.27 13.41 -15.83
C GLN B 271 -17.92 12.17 -15.02
N LEU B 272 -17.12 11.30 -15.61
CA LEU B 272 -16.60 10.12 -14.90
C LEU B 272 -15.80 10.65 -13.71
N GLY B 273 -16.13 10.16 -12.51
CA GLY B 273 -15.54 10.44 -11.19
C GLY B 273 -16.58 11.02 -10.26
N TYR B 274 -17.75 11.38 -10.81
CA TYR B 274 -18.88 12.04 -10.10
C TYR B 274 -19.54 11.07 -9.12
N THR B 275 -19.43 9.77 -9.41
CA THR B 275 -20.06 8.65 -8.68
C THR B 275 -18.99 7.67 -8.19
N ILE B 276 -19.30 6.93 -7.12
CA ILE B 276 -18.56 5.73 -6.65
C ILE B 276 -19.33 4.53 -7.19
N PRO B 277 -18.69 3.65 -8.00
CA PRO B 277 -19.43 2.60 -8.73
C PRO B 277 -19.89 1.42 -7.87
N LEU B 278 -20.52 1.66 -6.72
CA LEU B 278 -20.89 0.59 -5.76
C LEU B 278 -21.85 -0.42 -6.42
N TYR B 279 -22.76 0.06 -7.25
CA TYR B 279 -23.87 -0.77 -7.78
C TYR B 279 -23.60 -1.18 -9.24
N THR B 280 -22.46 -0.76 -9.78
CA THR B 280 -22.17 -0.91 -11.22
C THR B 280 -20.82 -1.58 -11.47
N LYS B 281 -20.09 -1.92 -10.43
CA LYS B 281 -18.71 -2.47 -10.57
C LYS B 281 -18.33 -3.40 -9.42
N ASP B 282 -17.66 -4.49 -9.78
CA ASP B 282 -17.04 -5.45 -8.83
C ASP B 282 -18.12 -6.18 -8.03
N LEU B 283 -19.33 -6.34 -8.59
CA LEU B 283 -20.35 -7.06 -7.82
C LEU B 283 -19.87 -8.51 -7.69
N ILE B 284 -20.03 -9.07 -6.51
CA ILE B 284 -19.63 -10.48 -6.24
C ILE B 284 -20.19 -11.45 -7.28
N GLU B 285 -21.37 -11.18 -7.87
N GLU B 285 -21.37 -11.19 -7.87
CA GLU B 285 -22.04 -12.08 -8.85
CA GLU B 285 -22.03 -12.10 -8.86
C GLU B 285 -21.22 -12.17 -10.15
C GLU B 285 -21.18 -12.20 -10.13
N LEU B 286 -20.37 -11.19 -10.46
CA LEU B 286 -19.55 -11.27 -11.72
C LEU B 286 -18.62 -12.48 -11.65
N TYR B 287 -18.03 -12.75 -10.48
CA TYR B 287 -17.02 -13.81 -10.28
C TYR B 287 -17.65 -15.17 -10.51
N ASP B 288 -18.95 -15.36 -10.22
CA ASP B 288 -19.62 -16.66 -10.46
C ASP B 288 -19.60 -16.95 -11.97
N VAL B 289 -19.70 -15.91 -12.79
CA VAL B 289 -19.68 -16.03 -14.28
C VAL B 289 -18.28 -16.49 -14.69
N VAL B 290 -17.26 -15.87 -14.11
CA VAL B 290 -15.85 -16.20 -14.42
C VAL B 290 -15.58 -17.65 -14.03
N TYR B 291 -15.99 -18.09 -12.84
CA TYR B 291 -15.78 -19.48 -12.37
C TYR B 291 -16.52 -20.42 -13.34
N GLU B 292 -17.72 -20.08 -13.79
CA GLU B 292 -18.51 -20.88 -14.77
C GLU B 292 -17.75 -20.96 -16.11
N TRP B 293 -17.12 -19.86 -16.54
CA TRP B 293 -16.24 -19.87 -17.73
C TRP B 293 -15.09 -20.86 -17.52
N ARG B 294 -14.44 -20.83 -16.38
CA ARG B 294 -13.27 -21.69 -16.15
C ARG B 294 -13.71 -23.17 -16.13
N GLU B 295 -14.91 -23.43 -15.63
CA GLU B 295 -15.46 -24.82 -15.54
C GLU B 295 -15.67 -25.35 -16.97
N PHE B 296 -16.33 -24.55 -17.79
CA PHE B 296 -16.53 -24.77 -19.24
C PHE B 296 -15.18 -25.03 -19.93
N LEU B 297 -14.20 -24.14 -19.70
CA LEU B 297 -12.86 -24.24 -20.32
C LEU B 297 -12.16 -25.53 -19.86
N ASP B 298 -12.16 -25.83 -18.56
CA ASP B 298 -11.57 -27.09 -18.01
C ASP B 298 -12.22 -28.32 -18.72
N GLU B 299 -13.54 -28.36 -18.82
CA GLU B 299 -14.30 -29.46 -19.49
C GLU B 299 -13.90 -29.49 -20.98
N TYR B 300 -13.79 -28.34 -21.64
CA TYR B 300 -13.33 -28.26 -23.06
C TYR B 300 -11.95 -28.93 -23.14
N ASN B 301 -11.03 -28.60 -22.24
CA ASN B 301 -9.64 -29.05 -22.33
C ASN B 301 -9.63 -30.56 -22.09
N LYS B 302 -10.51 -31.03 -21.22
CA LYS B 302 -10.55 -32.47 -20.83
C LYS B 302 -11.01 -33.27 -22.06
N ASN B 303 -11.94 -32.70 -22.81
CA ASN B 303 -12.65 -33.35 -23.94
C ASN B 303 -11.85 -33.17 -25.23
N HIS B 304 -10.74 -32.42 -25.25
CA HIS B 304 -10.02 -32.11 -26.51
C HIS B 304 -8.55 -32.46 -26.43
N GLY B 305 -7.93 -32.47 -25.25
CA GLY B 305 -6.49 -32.77 -25.17
C GLY B 305 -5.70 -31.64 -25.77
N GLY B 306 -4.46 -31.94 -26.11
CA GLY B 306 -3.52 -30.94 -26.65
C GLY B 306 -3.20 -29.89 -25.60
N ASP B 307 -2.63 -28.77 -26.04
CA ASP B 307 -2.21 -27.65 -25.15
C ASP B 307 -3.39 -27.07 -24.37
N THR B 308 -3.21 -26.85 -23.06
CA THR B 308 -4.23 -26.24 -22.21
C THR B 308 -4.67 -24.91 -22.82
N ARG B 309 -5.97 -24.70 -22.95
CA ARG B 309 -6.55 -23.42 -23.38
C ARG B 309 -6.85 -22.57 -22.15
N VAL B 310 -6.65 -21.23 -22.19
CA VAL B 310 -6.56 -20.48 -20.92
C VAL B 310 -7.36 -19.20 -21.12
N VAL B 311 -7.65 -18.59 -20.01
CA VAL B 311 -8.27 -17.25 -19.97
C VAL B 311 -7.49 -16.42 -19.00
N PHE B 312 -7.14 -15.23 -19.51
CA PHE B 312 -6.47 -14.20 -18.73
C PHE B 312 -7.45 -13.03 -18.68
N SER B 313 -7.83 -12.59 -17.48
CA SER B 313 -8.85 -11.55 -17.29
C SER B 313 -8.23 -10.15 -17.16
N GLU B 314 -8.92 -9.15 -17.74
CA GLU B 314 -8.68 -7.69 -17.60
C GLU B 314 -9.65 -7.09 -16.60
N GLY B 315 -9.10 -6.61 -15.52
CA GLY B 315 -9.88 -6.05 -14.44
C GLY B 315 -9.04 -5.06 -13.68
N TYR B 316 -9.36 -3.77 -13.83
CA TYR B 316 -8.74 -2.75 -12.95
C TYR B 316 -9.63 -2.69 -11.69
N ALA B 317 -9.13 -3.10 -10.55
CA ALA B 317 -9.89 -3.17 -9.27
C ALA B 317 -8.87 -3.10 -8.17
N ASN B 318 -9.32 -3.03 -6.93
CA ASN B 318 -8.43 -3.02 -5.76
C ASN B 318 -7.90 -4.45 -5.62
N VAL B 319 -6.95 -4.65 -4.76
CA VAL B 319 -6.20 -5.94 -4.64
C VAL B 319 -7.20 -7.08 -4.36
N SER B 320 -8.05 -6.92 -3.35
CA SER B 320 -8.99 -7.96 -2.91
C SER B 320 -9.85 -8.42 -4.10
N MET B 321 -10.46 -7.49 -4.81
CA MET B 321 -11.38 -7.77 -5.94
C MET B 321 -10.58 -8.28 -7.15
N THR B 322 -9.30 -7.92 -7.26
CA THR B 322 -8.48 -8.46 -8.37
C THR B 322 -8.22 -9.95 -8.10
N MET B 323 -7.83 -10.30 -6.88
CA MET B 323 -7.37 -11.68 -6.54
C MET B 323 -8.56 -12.65 -6.67
N LEU B 324 -9.79 -12.17 -6.55
CA LEU B 324 -11.00 -13.03 -6.61
C LEU B 324 -11.16 -13.57 -8.04
N TYR B 325 -10.48 -12.96 -9.02
CA TYR B 325 -10.45 -13.51 -10.39
C TYR B 325 -9.80 -14.89 -10.38
N TYR B 326 -8.79 -15.11 -9.57
CA TYR B 326 -8.09 -16.43 -9.55
C TYR B 326 -9.05 -17.48 -9.06
N GLY B 327 -9.89 -17.11 -8.10
CA GLY B 327 -10.73 -18.05 -7.33
C GLY B 327 -11.01 -17.50 -5.95
N ASN B 328 -11.62 -18.28 -5.08
CA ASN B 328 -12.05 -17.80 -3.74
C ASN B 328 -11.77 -18.84 -2.66
N GLU B 329 -11.92 -18.42 -1.40
CA GLU B 329 -11.55 -19.19 -0.19
C GLU B 329 -12.38 -20.48 -0.16
N ASP B 330 -13.48 -20.56 -0.91
CA ASP B 330 -14.35 -21.76 -0.95
C ASP B 330 -13.92 -22.79 -2.00
N GLY B 331 -12.79 -22.60 -2.71
CA GLY B 331 -12.21 -23.53 -3.71
C GLY B 331 -12.71 -23.29 -5.13
N ALA B 332 -13.49 -22.25 -5.38
CA ALA B 332 -13.82 -21.81 -6.76
C ALA B 332 -12.51 -21.51 -7.49
N ILE B 333 -12.45 -21.80 -8.78
CA ILE B 333 -11.29 -21.50 -9.67
C ILE B 333 -11.78 -20.60 -10.82
N GLY B 334 -11.06 -19.49 -11.07
CA GLY B 334 -11.43 -18.49 -12.07
C GLY B 334 -10.44 -18.50 -13.22
N ALA B 335 -10.10 -17.30 -13.68
CA ALA B 335 -9.04 -17.05 -14.68
C ALA B 335 -7.73 -17.74 -14.24
N HIS B 336 -7.04 -18.28 -15.23
CA HIS B 336 -5.63 -18.74 -15.12
C HIS B 336 -4.80 -17.63 -14.48
N PHE B 337 -5.02 -16.37 -14.84
CA PHE B 337 -4.65 -15.29 -13.93
C PHE B 337 -5.38 -14.01 -14.38
N PRO B 338 -5.69 -13.15 -13.42
CA PRO B 338 -6.09 -11.78 -13.75
C PRO B 338 -4.80 -11.02 -14.04
N PHE B 339 -4.84 -10.11 -15.01
CA PHE B 339 -3.68 -9.21 -15.29
C PHE B 339 -3.36 -8.37 -14.06
N ASN B 340 -2.06 -8.20 -13.91
CA ASN B 340 -1.40 -7.42 -12.83
C ASN B 340 -1.04 -6.08 -13.45
N PHE B 341 -1.81 -5.05 -13.15
CA PHE B 341 -1.57 -3.73 -13.77
C PHE B 341 -0.72 -2.79 -12.91
N ASP B 342 -0.09 -3.33 -11.89
CA ASP B 342 0.61 -2.53 -10.84
C ASP B 342 1.70 -1.63 -11.45
N PHE B 343 2.43 -2.07 -12.47
CA PHE B 343 3.48 -1.22 -13.08
C PHE B 343 2.85 -0.08 -13.88
N ILE B 344 1.54 -0.19 -14.19
CA ILE B 344 0.80 0.89 -14.91
C ILE B 344 0.21 1.82 -13.86
N THR B 345 -0.47 1.26 -12.83
CA THR B 345 -1.33 2.01 -11.90
C THR B 345 -0.53 2.63 -10.74
N ASP B 346 0.54 2.01 -10.27
CA ASP B 346 1.17 2.34 -8.97
C ASP B 346 2.66 2.68 -9.12
N LEU B 347 3.23 2.55 -10.31
CA LEU B 347 4.65 2.93 -10.50
C LEU B 347 4.77 3.87 -11.69
N SER B 348 5.79 4.70 -11.65
CA SER B 348 6.06 5.67 -12.73
C SER B 348 7.46 6.26 -12.49
N SER B 349 7.80 7.20 -13.35
CA SER B 349 9.05 7.99 -13.25
C SER B 349 9.12 8.66 -11.87
N LYS B 350 8.01 8.79 -11.15
CA LYS B 350 7.99 9.40 -9.78
C LYS B 350 8.43 8.42 -8.71
N SER B 351 8.43 7.12 -9.03
CA SER B 351 8.77 6.00 -8.14
C SER B 351 10.27 5.95 -7.86
N ASN B 352 10.59 5.73 -6.61
CA ASN B 352 11.98 5.42 -6.20
C ASN B 352 12.13 3.91 -6.01
N ALA B 353 13.36 3.44 -5.71
CA ALA B 353 13.66 1.99 -5.63
C ALA B 353 12.76 1.33 -4.58
N ARG B 354 12.47 2.03 -3.47
CA ARG B 354 11.64 1.45 -2.37
C ARG B 354 10.21 1.27 -2.87
N ASP B 355 9.71 2.20 -3.69
CA ASP B 355 8.40 2.06 -4.36
C ASP B 355 8.42 0.82 -5.25
N PHE B 356 9.44 0.67 -6.09
CA PHE B 356 9.54 -0.52 -6.98
C PHE B 356 9.39 -1.79 -6.14
N VAL B 357 10.16 -1.90 -5.07
CA VAL B 357 10.14 -3.13 -4.23
C VAL B 357 8.73 -3.31 -3.65
N TYR B 358 8.18 -2.25 -3.04
CA TYR B 358 6.92 -2.37 -2.26
C TYR B 358 5.79 -2.75 -3.21
N ILE B 359 5.76 -2.18 -4.43
CA ILE B 359 4.67 -2.55 -5.40
C ILE B 359 4.87 -3.99 -5.95
N ILE B 360 6.10 -4.36 -6.31
CA ILE B 360 6.41 -5.75 -6.79
C ILE B 360 5.87 -6.74 -5.71
N LEU B 361 6.10 -6.41 -4.45
CA LEU B 361 5.75 -7.28 -3.32
C LEU B 361 4.25 -7.36 -3.21
N ARG B 362 3.46 -6.42 -3.74
CA ARG B 362 2.01 -6.52 -3.51
C ARG B 362 1.42 -7.75 -4.19
N TRP B 363 1.70 -7.97 -5.48
CA TRP B 363 1.08 -9.14 -6.16
C TRP B 363 1.58 -10.44 -5.50
N LEU B 364 2.87 -10.47 -5.19
CA LEU B 364 3.51 -11.70 -4.65
C LEU B 364 3.00 -11.97 -3.22
N THR B 365 2.54 -10.94 -2.53
CA THR B 365 2.05 -11.10 -1.14
C THR B 365 0.56 -11.49 -1.15
N TYR B 366 -0.23 -10.94 -2.05
CA TYR B 366 -1.70 -11.13 -2.05
C TYR B 366 -2.17 -12.27 -2.93
N MET B 367 -1.43 -12.65 -3.96
CA MET B 367 -1.82 -13.72 -4.91
C MET B 367 -2.06 -14.99 -4.12
N PRO B 368 -3.14 -15.72 -4.38
CA PRO B 368 -3.37 -16.94 -3.62
C PRO B 368 -2.26 -17.97 -3.89
N TYR B 369 -2.10 -18.85 -2.91
CA TYR B 369 -1.17 -20.00 -2.95
C TYR B 369 -1.42 -20.85 -4.21
N GLY B 370 -0.42 -21.01 -5.07
CA GLY B 370 -0.55 -21.80 -6.30
C GLY B 370 -0.82 -20.97 -7.53
N GLY B 371 -1.24 -19.70 -7.33
CA GLY B 371 -1.50 -18.73 -8.40
C GLY B 371 -0.23 -18.43 -9.16
N ILE B 372 -0.37 -18.16 -10.44
CA ILE B 372 0.76 -17.77 -11.32
C ILE B 372 0.77 -16.24 -11.40
N PRO B 373 1.89 -15.63 -10.97
CA PRO B 373 2.08 -14.18 -11.05
C PRO B 373 2.25 -13.74 -12.51
N ASN B 374 1.92 -12.48 -12.86
CA ASN B 374 2.11 -11.99 -14.23
C ASN B 374 2.41 -10.50 -14.06
N TRP B 375 3.09 -9.91 -15.03
CA TRP B 375 3.62 -8.53 -14.93
C TRP B 375 3.31 -7.82 -16.22
N VAL B 376 2.65 -6.65 -16.12
CA VAL B 376 2.19 -5.94 -17.32
C VAL B 376 2.75 -4.54 -17.23
N PHE B 377 3.51 -4.15 -18.24
CA PHE B 377 4.19 -2.83 -18.28
C PHE B 377 3.48 -1.85 -19.20
N GLY B 378 2.48 -2.32 -19.95
CA GLY B 378 1.83 -1.48 -20.96
C GLY B 378 0.69 -2.19 -21.64
N ASN B 379 -0.17 -1.42 -22.31
CA ASN B 379 -1.23 -1.95 -23.19
C ASN B 379 -1.74 -0.79 -24.04
N HIS B 380 -2.73 -1.08 -24.90
CA HIS B 380 -3.33 -0.10 -25.84
C HIS B 380 -4.19 0.95 -25.14
N ASP B 381 -4.39 0.89 -23.81
CA ASP B 381 -5.26 1.87 -23.09
C ASP B 381 -4.39 2.81 -22.26
N ASN B 382 -3.05 2.65 -22.29
CA ASN B 382 -2.17 3.39 -21.37
C ASN B 382 -0.98 3.90 -22.13
N ASN B 383 -0.29 4.89 -21.57
CA ASN B 383 0.94 5.46 -22.18
C ASN B 383 2.02 4.38 -22.23
N ARG B 384 2.90 4.50 -23.20
CA ARG B 384 3.92 3.46 -23.43
C ARG B 384 4.87 3.46 -22.24
N MET B 385 5.39 2.29 -21.97
CA MET B 385 6.33 2.04 -20.83
C MET B 385 7.40 3.12 -20.70
N PRO B 386 8.16 3.49 -21.76
CA PRO B 386 9.29 4.39 -21.53
C PRO B 386 8.89 5.87 -21.41
N THR B 387 7.62 6.14 -21.71
CA THR B 387 6.97 7.46 -21.54
C THR B 387 6.50 7.53 -20.10
N ARG B 388 5.97 6.44 -19.55
CA ARG B 388 5.49 6.46 -18.13
C ARG B 388 6.72 6.56 -17.23
N PHE B 389 7.81 5.90 -17.63
CA PHE B 389 9.07 5.84 -16.84
C PHE B 389 9.97 6.84 -17.53
N ARG B 390 11.17 6.43 -17.90
CA ARG B 390 12.11 7.29 -18.65
C ARG B 390 12.75 6.46 -19.76
N HIS B 391 13.32 7.14 -20.73
CA HIS B 391 13.98 6.51 -21.90
C HIS B 391 15.15 5.64 -21.42
N ASP B 392 15.82 6.05 -20.34
CA ASP B 392 17.07 5.41 -19.87
C ASP B 392 16.74 4.19 -18.98
N MET B 393 15.45 3.86 -18.77
CA MET B 393 14.99 2.79 -17.87
C MET B 393 14.45 1.57 -18.66
N VAL B 394 14.47 1.55 -19.99
CA VAL B 394 13.75 0.52 -20.79
C VAL B 394 14.32 -0.86 -20.43
N ASP B 395 15.63 -0.98 -20.43
CA ASP B 395 16.25 -2.33 -20.21
C ASP B 395 15.90 -2.85 -18.83
N GLY B 396 16.15 -2.05 -17.79
CA GLY B 396 15.78 -2.36 -16.41
C GLY B 396 14.34 -2.84 -16.31
N LEU B 397 13.40 -2.13 -16.91
CA LEU B 397 11.96 -2.56 -16.84
C LEU B 397 11.74 -3.87 -17.58
N ASN B 398 12.25 -4.02 -18.82
CA ASN B 398 12.23 -5.35 -19.47
C ASN B 398 12.89 -6.44 -18.64
N ILE B 399 13.97 -6.15 -17.92
CA ILE B 399 14.58 -7.20 -17.06
C ILE B 399 13.61 -7.57 -15.91
N ILE B 400 12.96 -6.60 -15.28
CA ILE B 400 12.03 -6.86 -14.15
C ILE B 400 10.95 -7.82 -14.68
N ASN B 401 10.39 -7.48 -15.84
CA ASN B 401 9.31 -8.25 -16.50
C ASN B 401 9.78 -9.70 -16.64
N MET B 402 10.99 -9.90 -17.13
CA MET B 402 11.46 -11.26 -17.51
C MET B 402 12.00 -12.04 -16.34
N LEU B 403 12.51 -11.37 -15.30
CA LEU B 403 13.22 -12.04 -14.21
C LEU B 403 12.32 -12.33 -12.99
N LEU B 404 11.24 -11.60 -12.82
CA LEU B 404 10.26 -11.96 -11.74
C LEU B 404 9.68 -13.33 -12.05
N PRO B 405 9.29 -14.08 -11.02
CA PRO B 405 8.60 -15.36 -11.25
C PRO B 405 7.31 -15.17 -12.04
N GLY B 406 6.97 -16.20 -12.80
CA GLY B 406 5.70 -16.33 -13.54
C GLY B 406 5.80 -15.85 -14.97
N VAL B 407 4.81 -15.04 -15.37
CA VAL B 407 4.49 -14.72 -16.78
C VAL B 407 4.86 -13.27 -17.08
N ALA B 408 5.64 -13.08 -18.14
CA ALA B 408 6.05 -11.75 -18.62
C ALA B 408 5.03 -11.36 -19.68
N VAL B 409 4.46 -10.16 -19.53
CA VAL B 409 3.57 -9.58 -20.58
C VAL B 409 4.29 -8.38 -21.21
N THR B 410 4.38 -8.43 -22.54
CA THR B 410 4.98 -7.41 -23.42
C THR B 410 3.91 -6.82 -24.33
N TYR B 411 3.78 -5.49 -24.29
CA TYR B 411 2.94 -4.71 -25.21
C TYR B 411 3.77 -4.33 -26.39
N GLN B 412 3.24 -4.65 -27.56
CA GLN B 412 3.79 -4.28 -28.91
C GLN B 412 4.63 -3.00 -28.79
N GLY B 413 5.93 -3.14 -29.03
CA GLY B 413 6.84 -1.99 -29.06
C GLY B 413 7.78 -1.94 -27.86
N GLU B 414 7.43 -2.61 -26.76
CA GLU B 414 8.28 -2.53 -25.53
C GLU B 414 9.62 -3.20 -25.79
N GLU B 415 9.67 -4.14 -26.76
CA GLU B 415 10.87 -4.96 -27.04
C GLU B 415 11.93 -4.10 -27.73
N ILE B 416 11.55 -2.95 -28.28
CA ILE B 416 12.49 -1.97 -28.90
C ILE B 416 12.36 -0.62 -28.21
N GLY B 417 11.65 -0.49 -27.09
CA GLY B 417 11.58 0.77 -26.34
C GLY B 417 10.80 1.84 -27.08
N MET B 418 9.74 1.48 -27.83
CA MET B 418 8.92 2.54 -28.49
C MET B 418 8.41 3.53 -27.47
N ARG B 419 8.35 4.79 -27.90
CA ARG B 419 7.81 5.91 -27.08
C ARG B 419 6.42 6.27 -27.60
N ASP B 420 5.58 6.83 -26.75
CA ASP B 420 4.30 7.46 -27.20
C ASP B 420 4.59 8.26 -28.46
N GLY B 421 3.76 8.13 -29.50
CA GLY B 421 3.79 9.04 -30.66
C GLY B 421 3.01 10.31 -30.40
N TYR B 422 3.36 11.41 -31.08
CA TYR B 422 2.49 12.63 -31.09
C TYR B 422 1.29 12.44 -32.03
N VAL B 423 0.10 12.73 -31.48
CA VAL B 423 -1.19 12.73 -32.20
C VAL B 423 -1.88 14.06 -31.92
N SER B 424 -2.00 14.89 -32.96
CA SER B 424 -2.80 16.15 -32.97
C SER B 424 -4.28 15.86 -32.65
N TRP B 425 -5.00 16.90 -32.23
CA TRP B 425 -6.48 16.85 -32.10
C TRP B 425 -7.09 16.35 -33.42
N GLU B 426 -6.56 16.79 -34.56
CA GLU B 426 -7.07 16.47 -35.93
C GLU B 426 -6.95 14.96 -36.16
N ASP B 427 -5.80 14.38 -35.81
CA ASP B 427 -5.49 12.96 -36.07
C ASP B 427 -6.09 12.05 -34.98
N THR B 428 -6.68 12.61 -33.93
CA THR B 428 -7.17 11.82 -32.77
C THR B 428 -8.44 11.10 -33.23
N VAL B 429 -8.53 9.80 -32.98
CA VAL B 429 -9.72 8.99 -33.37
C VAL B 429 -10.30 8.27 -32.15
N ASP B 430 -9.69 8.41 -30.97
CA ASP B 430 -10.13 7.65 -29.77
C ASP B 430 -11.45 8.25 -29.25
N ILE B 431 -12.53 7.47 -29.38
CA ILE B 431 -13.91 7.78 -28.88
C ILE B 431 -13.83 8.42 -27.50
N GLU B 432 -12.99 7.94 -26.59
CA GLU B 432 -12.90 8.49 -25.20
C GLU B 432 -12.50 9.97 -25.27
N ALA B 433 -11.44 10.31 -26.04
CA ALA B 433 -10.99 11.70 -26.26
C ALA B 433 -12.09 12.54 -26.91
N CYS B 434 -12.75 11.97 -27.93
CA CYS B 434 -13.78 12.64 -28.77
C CYS B 434 -15.03 12.95 -27.92
N ASN B 435 -15.33 12.10 -26.93
CA ASN B 435 -16.46 12.28 -25.98
C ASN B 435 -16.07 13.25 -24.84
N ARG B 436 -14.88 13.10 -24.24
CA ARG B 436 -14.53 13.77 -22.95
C ARG B 436 -13.62 14.99 -23.18
N GLY B 437 -13.16 15.22 -24.42
CA GLY B 437 -12.14 16.25 -24.74
C GLY B 437 -12.57 17.22 -25.82
N ASP B 438 -11.84 18.33 -25.88
CA ASP B 438 -11.79 19.36 -26.95
C ASP B 438 -10.31 19.47 -27.38
N PRO B 439 -9.87 20.42 -28.26
CA PRO B 439 -8.48 20.43 -28.72
C PRO B 439 -7.46 20.89 -27.66
N ASP B 440 -7.97 21.33 -26.50
CA ASP B 440 -7.16 21.83 -25.36
C ASP B 440 -6.91 20.69 -24.37
N THR B 441 -7.87 19.76 -24.20
CA THR B 441 -7.94 18.73 -23.11
C THR B 441 -7.74 17.28 -23.64
N TYR B 442 -7.88 17.05 -24.95
CA TYR B 442 -8.04 15.70 -25.57
C TYR B 442 -6.92 14.76 -25.07
N HIS B 443 -5.69 15.26 -25.08
CA HIS B 443 -4.45 14.51 -24.71
C HIS B 443 -4.60 13.86 -23.32
N LEU B 444 -5.47 14.37 -22.44
CA LEU B 444 -5.69 13.82 -21.07
C LEU B 444 -6.46 12.49 -21.12
N TYR B 445 -7.13 12.20 -22.23
CA TYR B 445 -8.14 11.10 -22.35
C TYR B 445 -7.68 10.11 -23.42
N SER B 446 -7.02 10.62 -24.45
CA SER B 446 -6.77 9.87 -25.71
C SER B 446 -5.78 8.73 -25.48
N ARG B 447 -6.12 7.52 -25.90
CA ARG B 447 -5.22 6.34 -25.83
C ARG B 447 -4.43 6.24 -27.14
N ASP B 448 -4.62 7.15 -28.10
CA ASP B 448 -4.03 6.99 -29.47
C ASP B 448 -2.51 7.00 -29.41
N PRO B 449 -1.84 7.81 -28.55
CA PRO B 449 -0.36 7.89 -28.60
C PRO B 449 0.35 6.54 -28.34
N ALA B 450 -0.31 5.62 -27.64
CA ALA B 450 0.21 4.25 -27.40
C ALA B 450 -0.22 3.28 -28.51
N ARG B 451 -0.95 3.77 -29.50
CA ARG B 451 -1.52 2.94 -30.61
C ARG B 451 -0.86 3.28 -31.95
N THR B 452 0.21 4.05 -31.94
CA THR B 452 0.86 4.47 -33.22
C THR B 452 1.53 3.26 -33.84
N PRO B 453 1.69 3.21 -35.19
CA PRO B 453 2.25 2.05 -35.85
C PRO B 453 3.66 1.63 -35.40
N TYR B 454 3.88 0.32 -35.38
CA TYR B 454 5.10 -0.34 -34.89
C TYR B 454 6.27 0.04 -35.79
N HIS B 455 7.45 0.26 -35.21
CA HIS B 455 8.67 0.64 -35.97
C HIS B 455 9.48 -0.59 -36.40
N TRP B 456 9.25 -1.12 -37.61
CA TRP B 456 10.02 -2.26 -38.18
C TRP B 456 11.44 -1.81 -38.57
N ASP B 457 11.56 -0.66 -39.21
CA ASP B 457 12.80 -0.21 -39.90
C ASP B 457 12.69 1.30 -40.17
N ASN B 458 13.60 1.89 -40.97
CA ASN B 458 13.61 3.36 -41.17
C ASN B 458 13.06 3.68 -42.57
N SER B 459 12.32 2.75 -43.18
CA SER B 459 11.65 2.97 -44.49
C SER B 459 10.36 3.76 -44.30
N THR B 460 9.66 3.98 -45.38
CA THR B 460 8.39 4.74 -45.36
C THR B 460 7.49 4.23 -44.21
N SER B 461 6.88 5.12 -43.45
CA SER B 461 5.94 4.76 -42.37
C SER B 461 6.60 3.71 -41.44
N ALA B 462 7.94 3.76 -41.30
CA ALA B 462 8.72 2.85 -40.43
C ALA B 462 8.54 1.38 -40.82
N GLY B 463 8.22 1.07 -42.09
CA GLY B 463 8.15 -0.35 -42.50
C GLY B 463 6.82 -0.97 -42.07
N PHE B 464 5.96 -0.20 -41.41
CA PHE B 464 4.61 -0.65 -40.98
C PHE B 464 3.72 -0.79 -42.21
N SER B 465 3.82 0.19 -43.13
CA SER B 465 3.05 0.23 -44.39
C SER B 465 3.97 0.69 -45.52
N THR B 466 3.66 0.28 -46.76
CA THR B 466 4.16 0.90 -48.02
C THR B 466 3.52 2.28 -48.24
N SER B 467 2.43 2.61 -47.53
CA SER B 467 1.72 3.91 -47.65
C SER B 467 2.14 4.89 -46.55
N THR B 468 2.11 6.18 -46.90
CA THR B 468 2.44 7.31 -45.98
C THR B 468 1.20 7.67 -45.15
N ASN B 469 0.00 7.25 -45.57
CA ASN B 469 -1.27 7.61 -44.92
C ASN B 469 -1.67 6.47 -43.95
N THR B 470 -0.99 6.37 -42.81
CA THR B 470 -1.27 5.39 -41.72
C THR B 470 -2.47 5.84 -40.87
N TRP B 471 -3.19 4.90 -40.26
CA TRP B 471 -4.50 5.17 -39.61
C TRP B 471 -4.29 6.08 -38.41
N LEU B 472 -3.14 5.95 -37.75
CA LEU B 472 -2.63 6.96 -36.80
C LEU B 472 -1.26 7.34 -37.31
N PRO B 473 -0.78 8.57 -37.00
CA PRO B 473 0.54 9.01 -37.45
C PRO B 473 1.65 8.21 -36.78
N VAL B 474 2.65 7.90 -37.59
CA VAL B 474 3.90 7.21 -37.21
C VAL B 474 4.68 8.20 -36.36
N ALA B 475 5.12 7.76 -35.17
CA ALA B 475 5.88 8.62 -34.24
C ALA B 475 7.14 9.13 -34.96
N GLU B 476 7.52 10.38 -34.69
CA GLU B 476 8.66 11.09 -35.32
C GLU B 476 10.01 10.40 -35.09
N ASP B 477 10.15 9.54 -34.08
CA ASP B 477 11.48 9.04 -33.64
C ASP B 477 11.78 7.70 -34.30
N TYR B 478 10.97 7.31 -35.29
CA TYR B 478 11.06 5.94 -35.88
C TYR B 478 12.40 5.72 -36.59
N GLN B 479 13.06 6.79 -37.06
CA GLN B 479 14.44 6.72 -37.63
C GLN B 479 15.45 6.29 -36.55
N GLU B 480 15.19 6.61 -35.31
CA GLU B 480 16.11 6.39 -34.16
C GLU B 480 15.72 5.08 -33.48
N ILE B 481 14.42 4.87 -33.29
CA ILE B 481 13.88 3.69 -32.55
C ILE B 481 13.14 2.79 -33.57
N ASN B 482 13.78 1.71 -33.98
CA ASN B 482 13.18 0.72 -34.92
C ASN B 482 13.89 -0.61 -34.78
N LEU B 483 13.16 -1.69 -35.10
CA LEU B 483 13.66 -3.09 -34.91
C LEU B 483 14.93 -3.36 -35.72
N ALA B 484 14.96 -3.03 -37.00
CA ALA B 484 16.09 -3.42 -37.87
C ALA B 484 17.38 -2.76 -37.38
N LYS B 485 17.30 -1.50 -36.95
CA LYS B 485 18.44 -0.76 -36.34
C LYS B 485 18.96 -1.54 -35.14
N GLN B 486 18.05 -2.03 -34.29
CA GLN B 486 18.43 -2.70 -33.02
C GLN B 486 18.95 -4.12 -33.32
N LYS B 487 18.60 -4.73 -34.44
CA LYS B 487 19.20 -6.04 -34.79
C LYS B 487 20.61 -5.82 -35.36
N GLU B 488 20.84 -4.68 -36.00
CA GLU B 488 22.15 -4.44 -36.67
C GLU B 488 23.18 -4.03 -35.62
N THR B 489 22.80 -3.20 -34.66
CA THR B 489 23.75 -2.57 -33.74
C THR B 489 24.21 -3.54 -32.64
N ALA B 490 25.40 -3.31 -32.09
CA ALA B 490 26.03 -4.28 -31.17
C ALA B 490 25.18 -4.39 -29.90
N ARG B 491 24.63 -3.28 -29.42
CA ARG B 491 23.83 -3.24 -28.15
C ARG B 491 22.49 -2.56 -28.43
N SER B 492 21.38 -3.14 -27.95
CA SER B 492 20.02 -2.62 -28.23
C SER B 492 19.01 -3.21 -27.24
N HIS B 493 17.91 -2.50 -27.09
CA HIS B 493 16.73 -2.94 -26.31
C HIS B 493 16.38 -4.34 -26.79
N PHE B 494 16.35 -4.58 -28.11
CA PHE B 494 15.84 -5.83 -28.68
C PHE B 494 16.80 -6.97 -28.30
N LYS B 495 18.11 -6.76 -28.47
CA LYS B 495 19.12 -7.78 -28.15
C LYS B 495 19.05 -8.12 -26.66
N ASN B 496 18.75 -7.13 -25.82
CA ASN B 496 18.59 -7.34 -24.37
C ASN B 496 17.31 -8.17 -24.14
N TYR B 497 16.25 -7.83 -24.86
CA TYR B 497 14.96 -8.56 -24.77
C TYR B 497 15.20 -10.04 -25.10
N GLN B 498 15.92 -10.30 -26.21
CA GLN B 498 16.25 -11.67 -26.69
C GLN B 498 17.05 -12.41 -25.64
N ALA B 499 18.10 -11.81 -25.07
CA ALA B 499 18.92 -12.45 -24.02
C ALA B 499 18.04 -12.78 -22.80
N LEU B 500 17.07 -11.93 -22.49
CA LEU B 500 16.19 -12.17 -21.32
C LEU B 500 15.15 -13.27 -21.57
N THR B 501 14.56 -13.34 -22.78
CA THR B 501 13.54 -14.38 -23.04
C THR B 501 14.26 -15.72 -23.04
N LYS B 502 15.49 -15.72 -23.55
CA LYS B 502 16.34 -16.93 -23.59
C LYS B 502 16.68 -17.42 -22.17
N LEU B 503 17.01 -16.50 -21.25
CA LEU B 503 17.34 -16.77 -19.82
C LEU B 503 16.15 -17.44 -19.15
N ARG B 504 14.94 -17.17 -19.60
CA ARG B 504 13.72 -17.76 -18.99
C ARG B 504 13.68 -19.28 -19.16
N LYS B 505 14.41 -19.85 -20.14
CA LYS B 505 14.54 -21.34 -20.22
C LYS B 505 15.31 -21.91 -19.03
N GLN B 506 16.16 -21.14 -18.33
CA GLN B 506 16.98 -21.67 -17.22
C GLN B 506 16.05 -22.05 -16.05
N ALA B 507 16.30 -23.19 -15.43
CA ALA B 507 15.57 -23.68 -14.24
C ALA B 507 15.54 -22.61 -13.14
N THR B 508 16.59 -21.81 -12.97
CA THR B 508 16.57 -20.73 -11.98
C THR B 508 15.39 -19.76 -12.21
N LEU B 509 14.98 -19.44 -13.43
CA LEU B 509 13.88 -18.46 -13.70
C LEU B 509 12.54 -19.19 -13.73
N SER B 510 12.49 -20.44 -14.24
CA SER B 510 11.22 -21.21 -14.27
C SER B 510 10.82 -21.71 -12.87
N HIS B 511 11.78 -22.06 -11.98
CA HIS B 511 11.50 -22.78 -10.71
C HIS B 511 12.13 -22.14 -9.46
N GLY B 512 13.02 -21.17 -9.67
CA GLY B 512 13.83 -20.47 -8.65
C GLY B 512 13.00 -19.71 -7.65
N GLU B 513 13.50 -19.61 -6.42
CA GLU B 513 12.99 -18.68 -5.40
C GLU B 513 13.28 -17.25 -5.89
N TYR B 514 12.74 -16.25 -5.20
CA TYR B 514 13.04 -14.82 -5.46
C TYR B 514 13.27 -14.15 -4.09
N ASP B 515 14.16 -13.16 -4.06
CA ASP B 515 14.39 -12.24 -2.91
C ASP B 515 14.51 -10.86 -3.51
N ILE B 516 13.83 -9.90 -2.92
CA ILE B 516 13.77 -8.52 -3.46
C ILE B 516 13.74 -7.52 -2.32
N ARG B 517 14.75 -6.64 -2.35
CA ARG B 517 14.86 -5.53 -1.38
C ARG B 517 15.56 -4.33 -1.99
N ALA B 518 15.27 -3.15 -1.45
CA ALA B 518 15.95 -1.93 -1.90
C ALA B 518 17.27 -1.88 -1.16
N LEU B 519 18.36 -1.53 -1.83
CA LEU B 519 19.69 -1.20 -1.23
C LEU B 519 19.75 0.28 -0.83
N SER B 520 18.95 1.12 -1.44
CA SER B 520 18.95 2.60 -1.21
C SER B 520 17.62 3.15 -1.73
N ASP B 521 17.41 4.46 -1.65
CA ASP B 521 16.24 5.05 -2.33
C ASP B 521 16.36 4.82 -3.84
N ARG B 522 17.55 4.52 -4.35
CA ARG B 522 17.82 4.60 -5.80
C ARG B 522 17.89 3.23 -6.45
N THR B 523 18.44 2.23 -5.76
CA THR B 523 18.78 0.90 -6.31
C THR B 523 18.10 -0.23 -5.55
N PHE B 524 17.52 -1.21 -6.25
CA PHE B 524 17.08 -2.47 -5.60
C PHE B 524 17.76 -3.64 -6.31
N TYR B 525 17.70 -4.81 -5.66
CA TYR B 525 18.10 -6.11 -6.21
C TYR B 525 16.85 -6.97 -6.33
N LEU B 526 16.88 -7.84 -7.30
CA LEU B 526 16.01 -9.02 -7.38
C LEU B 526 16.93 -10.21 -7.65
N VAL B 527 16.83 -11.18 -6.78
CA VAL B 527 17.67 -12.42 -6.87
C VAL B 527 16.77 -13.63 -7.12
N ARG B 528 17.06 -14.35 -8.21
CA ARG B 528 16.48 -15.68 -8.44
C ARG B 528 17.57 -16.68 -8.09
N SER B 529 17.20 -17.63 -7.25
CA SER B 529 18.14 -18.65 -6.73
C SER B 529 17.50 -20.01 -6.69
N LEU B 530 18.31 -21.05 -6.83
CA LEU B 530 17.77 -22.44 -6.82
C LEU B 530 18.93 -23.37 -6.57
N PRO B 531 18.95 -24.15 -5.48
CA PRO B 531 20.11 -25.00 -5.20
C PRO B 531 20.57 -25.78 -6.44
N THR B 532 21.89 -25.80 -6.69
CA THR B 532 22.63 -26.52 -7.75
C THR B 532 22.49 -25.82 -9.10
N HIS B 533 21.77 -24.70 -9.22
CA HIS B 533 21.61 -23.96 -10.49
C HIS B 533 22.15 -22.52 -10.34
N ASP B 534 22.51 -21.89 -11.44
CA ASP B 534 23.15 -20.56 -11.44
C ASP B 534 22.20 -19.59 -10.75
N THR B 535 22.79 -18.66 -10.00
CA THR B 535 22.08 -17.54 -9.40
C THR B 535 22.02 -16.39 -10.41
N TYR B 536 20.86 -15.75 -10.52
CA TYR B 536 20.68 -14.54 -11.37
C TYR B 536 20.22 -13.39 -10.49
N VAL B 537 20.90 -12.27 -10.68
CA VAL B 537 20.63 -11.02 -9.94
C VAL B 537 20.40 -9.81 -10.87
N LEU B 538 19.25 -9.18 -10.71
CA LEU B 538 19.04 -7.78 -11.20
C LEU B 538 19.55 -6.79 -10.16
N LEU B 539 20.35 -5.83 -10.59
CA LEU B 539 20.61 -4.57 -9.89
C LEU B 539 20.10 -3.46 -10.80
N PHE B 540 19.24 -2.62 -10.26
CA PHE B 540 18.57 -1.56 -11.04
C PHE B 540 18.54 -0.26 -10.25
N ASN B 541 19.29 0.74 -10.75
CA ASN B 541 19.19 2.16 -10.31
C ASN B 541 18.06 2.83 -11.09
N VAL B 542 16.90 2.96 -10.47
CA VAL B 542 15.66 3.55 -11.06
C VAL B 542 15.66 5.06 -10.98
N SER B 543 16.66 5.67 -10.31
CA SER B 543 16.70 7.14 -10.05
C SER B 543 17.38 7.91 -11.17
N GLU B 544 17.34 9.24 -11.07
CA GLU B 544 17.98 10.17 -12.02
C GLU B 544 19.40 10.49 -11.54
N ARG B 545 19.90 9.80 -10.51
CA ARG B 545 21.24 10.10 -9.94
C ARG B 545 22.07 8.82 -9.91
N ARG B 546 23.40 8.97 -9.83
CA ARG B 546 24.33 7.84 -9.67
C ARG B 546 24.11 7.22 -8.29
N ASP B 547 24.45 5.95 -8.09
CA ASP B 547 24.32 5.34 -6.76
C ASP B 547 25.45 4.33 -6.59
N THR B 548 26.00 4.24 -5.40
CA THR B 548 27.05 3.23 -5.13
C THR B 548 26.53 2.27 -4.07
N VAL B 549 26.60 0.95 -4.30
CA VAL B 549 26.00 -0.01 -3.35
C VAL B 549 27.05 -1.07 -2.99
N ASP B 550 26.89 -1.63 -1.81
CA ASP B 550 27.67 -2.78 -1.31
C ASP B 550 26.98 -4.07 -1.76
N LEU B 551 27.53 -4.75 -2.75
CA LEU B 551 27.01 -6.06 -3.24
C LEU B 551 27.11 -7.13 -2.17
N GLY B 552 27.83 -6.88 -1.07
CA GLY B 552 27.86 -7.77 0.11
C GLY B 552 26.48 -7.93 0.75
N ARG B 553 25.58 -6.98 0.52
CA ARG B 553 24.21 -7.00 1.09
C ARG B 553 23.29 -7.85 0.22
N VAL B 554 23.72 -8.28 -0.97
CA VAL B 554 22.82 -9.01 -1.92
C VAL B 554 22.90 -10.49 -1.54
N PRO B 555 21.80 -11.14 -1.14
CA PRO B 555 21.85 -12.56 -0.78
C PRO B 555 22.27 -13.39 -1.98
N HIS B 556 22.95 -14.54 -1.75
CA HIS B 556 23.22 -15.54 -2.81
C HIS B 556 24.09 -14.99 -3.95
N LEU B 557 24.74 -13.84 -3.75
CA LEU B 557 25.67 -13.24 -4.74
C LEU B 557 27.09 -13.43 -4.22
N THR B 558 27.79 -14.43 -4.72
CA THR B 558 29.25 -14.55 -4.51
C THR B 558 29.96 -13.97 -5.72
N LEU B 559 31.03 -13.24 -5.48
CA LEU B 559 31.85 -12.60 -6.53
C LEU B 559 33.11 -13.46 -6.68
N PRO B 560 33.79 -13.49 -7.84
CA PRO B 560 33.32 -12.82 -9.05
C PRO B 560 32.03 -13.38 -9.69
N ALA B 561 31.26 -12.50 -10.32
CA ALA B 561 30.03 -12.82 -11.06
C ALA B 561 30.15 -12.19 -12.44
N THR B 562 29.41 -12.68 -13.42
CA THR B 562 29.54 -12.23 -14.82
C THR B 562 28.28 -11.47 -15.22
N VAL B 563 28.47 -10.37 -15.92
CA VAL B 563 27.34 -9.60 -16.52
C VAL B 563 26.74 -10.47 -17.63
N TYR B 564 25.48 -10.88 -17.47
CA TYR B 564 24.67 -11.62 -18.48
C TYR B 564 24.03 -10.61 -19.45
N VAL B 565 23.37 -9.61 -18.89
CA VAL B 565 22.76 -8.46 -19.63
C VAL B 565 23.16 -7.16 -18.97
N SER B 566 23.32 -6.13 -19.78
CA SER B 566 23.40 -4.73 -19.30
C SER B 566 22.54 -3.80 -20.16
N SER B 567 22.07 -2.77 -19.49
CA SER B 567 21.45 -1.56 -20.08
C SER B 567 22.31 -1.08 -21.26
N ILE B 568 21.71 -0.59 -22.34
CA ILE B 568 22.49 -0.21 -23.56
C ILE B 568 23.55 0.87 -23.30
N HIS B 569 23.50 1.59 -22.18
CA HIS B 569 24.49 2.67 -21.90
C HIS B 569 25.29 2.35 -20.66
N SER B 570 25.21 1.11 -20.19
CA SER B 570 26.08 0.64 -19.09
C SER B 570 27.53 0.69 -19.57
N ALA B 571 28.43 1.09 -18.69
CA ALA B 571 29.89 0.89 -18.86
C ALA B 571 30.21 -0.60 -18.93
N ARG B 572 29.34 -1.48 -18.47
CA ARG B 572 29.62 -2.93 -18.43
C ARG B 572 29.02 -3.61 -19.67
N LEU B 573 29.81 -4.40 -20.38
CA LEU B 573 29.29 -5.27 -21.47
C LEU B 573 29.00 -6.64 -20.90
N ALA B 574 28.08 -7.33 -21.57
CA ALA B 574 27.84 -8.77 -21.33
C ALA B 574 29.21 -9.49 -21.44
N GLY B 575 29.53 -10.33 -20.47
CA GLY B 575 30.82 -11.06 -20.35
C GLY B 575 31.75 -10.40 -19.33
N HIS B 576 31.59 -9.10 -19.07
CA HIS B 576 32.36 -8.32 -18.04
C HIS B 576 32.20 -8.98 -16.67
N GLU B 577 33.28 -8.98 -15.87
CA GLU B 577 33.38 -9.65 -14.56
C GLU B 577 33.21 -8.61 -13.46
N ILE B 578 32.26 -8.83 -12.54
CA ILE B 578 32.15 -8.06 -11.27
C ILE B 578 32.99 -8.76 -10.21
N THR B 579 34.04 -8.10 -9.70
CA THR B 579 35.01 -8.65 -8.72
C THR B 579 34.96 -7.82 -7.44
N SER B 580 34.72 -6.51 -7.52
CA SER B 580 34.65 -5.58 -6.38
C SER B 580 33.25 -5.63 -5.76
N SER B 581 33.15 -5.60 -4.43
CA SER B 581 31.85 -5.59 -3.72
C SER B 581 31.21 -4.20 -3.77
N GLN B 582 31.92 -3.15 -4.18
CA GLN B 582 31.37 -1.78 -4.34
C GLN B 582 30.96 -1.58 -5.78
N LEU B 583 29.70 -1.23 -6.06
CA LEU B 583 29.26 -1.06 -7.47
C LEU B 583 28.61 0.30 -7.61
N SER B 584 29.14 1.12 -8.51
CA SER B 584 28.53 2.42 -8.94
C SER B 584 27.62 2.17 -10.14
N LEU B 585 26.31 2.40 -9.98
CA LEU B 585 25.35 2.38 -11.10
C LEU B 585 25.03 3.81 -11.51
N GLU B 586 25.03 4.04 -12.81
CA GLU B 586 24.47 5.28 -13.36
C GLU B 586 22.94 5.33 -13.19
N ALA B 587 22.38 6.53 -13.35
CA ALA B 587 20.92 6.75 -13.43
C ALA B 587 20.34 5.78 -14.49
N GLY B 588 19.33 4.98 -14.15
CA GLY B 588 18.68 4.11 -15.15
C GLY B 588 19.43 2.80 -15.37
N GLU B 589 20.68 2.71 -14.92
CA GLU B 589 21.51 1.54 -15.25
C GLU B 589 20.95 0.25 -14.63
N ALA B 590 20.90 -0.80 -15.43
CA ALA B 590 20.50 -2.13 -14.95
C ALA B 590 21.46 -3.19 -15.44
N LEU B 591 21.74 -4.15 -14.57
CA LEU B 591 22.60 -5.31 -14.83
C LEU B 591 21.86 -6.57 -14.40
N VAL B 592 21.99 -7.62 -15.20
CA VAL B 592 21.79 -9.01 -14.74
C VAL B 592 23.16 -9.63 -14.59
N LEU B 593 23.45 -10.08 -13.38
CA LEU B 593 24.65 -10.88 -13.06
C LEU B 593 24.28 -12.35 -12.99
N LYS B 594 25.16 -13.18 -13.52
CA LYS B 594 25.12 -14.65 -13.40
C LYS B 594 26.18 -15.04 -12.39
N ALA B 595 25.78 -15.66 -11.29
CA ALA B 595 26.70 -16.04 -10.20
C ALA B 595 26.59 -17.54 -9.94
N GLN B 596 27.58 -18.09 -9.25
CA GLN B 596 27.67 -19.56 -8.99
C GLN B 596 26.42 -20.04 -8.24
N PRO B 597 26.01 -21.30 -8.39
CA PRO B 597 24.83 -21.82 -7.69
C PRO B 597 24.97 -21.68 -6.17
N ILE B 598 23.84 -21.62 -5.47
CA ILE B 598 23.77 -21.86 -4.00
C ILE B 598 23.46 -23.35 -3.80
#